data_3DO6
#
_entry.id   3DO6
#
_cell.length_a   107.630
_cell.length_b   118.250
_cell.length_c   93.640
_cell.angle_alpha   90.000
_cell.angle_beta   90.000
_cell.angle_gamma   90.000
#
_symmetry.space_group_name_H-M   'P 21 21 2'
#
loop_
_entity.id
_entity.type
_entity.pdbx_description
1 polymer 'Formate--tetrahydrofolate ligase'
2 non-polymer 1,2-ETHANEDIOL
3 water water
#
_entity_poly.entity_id   1
_entity_poly.type   'polypeptide(L)'
_entity_poly.pdbx_seq_one_letter_code
;G(MSE)KPIKEIADQLELKDDILYPYGHYIAKIDHRFLKSLENHEDGKLILVTAVTPTPAGEGKTTTSIGLS(MSE)SLN
RIGKKSIVTLREPSLGPTLGLKGGATGGGRSRVLPSDEINLHFTGD(MSE)HAVASAHNLLAAVLDSHIKHGNELKIDIT
RVFWKRT(MSE)D(MSE)NDRALRSIVIGLGGSANGFPREDSFIITAASEV(MSE)AILALSEN(MSE)KDLKERLGKII
VALDADRKIVRISDLGIQGA(MSE)AVLLKDAINPNLVQTTEGTPALIHCGPFANIAHGTNSIIATK(MSE)A(MSE)KL
SEYTVTEAGFGADLGAEKFIDFVSRVGGFYPNAAVLVATVRALKYHGGANLKNIHEENLEALKEGFKNLRVHVENLRKFN
LPVVVALNRFSTDTEKEIAYVVKECEKLGVRVAVSEVFKKGSEGGVELAKAVAEAAKDVEPAYLYE(MSE)NDPVEKKIE
ILAKEIYRAGRVEFSDTAKNALKFIKKHGFDELPVIVAKTPKSISHDPSLRGAPEGYTFVVSDLFVSAGAGFVVALSGDI
NL(MSE)PGLPKKPNALN(MSE)DVDDSGNIVGVS
;
_entity_poly.pdbx_strand_id   A,B
#
# COMPACT_ATOMS: atom_id res chain seq x y z
N GLY A 1 9.40 -24.97 9.09
CA GLY A 1 9.42 -26.32 8.43
C GLY A 1 8.68 -26.28 7.11
N LYS A 3 7.82 -25.60 2.99
CA LYS A 3 8.21 -25.91 1.63
C LYS A 3 8.39 -24.65 0.79
N PRO A 4 9.50 -24.59 0.02
CA PRO A 4 9.59 -23.56 -1.02
C PRO A 4 8.40 -23.62 -1.94
N ILE A 5 7.98 -22.44 -2.36
CA ILE A 5 6.72 -22.35 -3.11
C ILE A 5 6.80 -23.17 -4.41
N LYS A 6 7.99 -23.31 -4.97
CA LYS A 6 8.12 -24.06 -6.24
C LYS A 6 7.66 -25.50 -6.01
N GLU A 7 7.83 -25.95 -4.77
N GLU A 7 7.81 -25.95 -4.77
CA GLU A 7 7.46 -27.32 -4.43
CA GLU A 7 7.48 -27.32 -4.40
C GLU A 7 5.96 -27.44 -4.51
C GLU A 7 5.97 -27.51 -4.33
N ILE A 8 5.30 -26.44 -3.93
CA ILE A 8 3.83 -26.42 -3.86
C ILE A 8 3.28 -26.32 -5.26
N ALA A 9 3.91 -25.44 -6.05
CA ALA A 9 3.52 -25.24 -7.43
C ALA A 9 3.64 -26.51 -8.25
N ASP A 10 4.66 -27.27 -7.93
CA ASP A 10 4.90 -28.51 -8.66
C ASP A 10 3.79 -29.51 -8.42
N GLN A 11 3.33 -29.57 -7.18
CA GLN A 11 2.23 -30.45 -6.81
C GLN A 11 1.07 -30.19 -7.78
N LEU A 12 0.96 -28.95 -8.26
CA LEU A 12 -0.23 -28.52 -9.01
C LEU A 12 0.07 -28.41 -10.49
N GLU A 13 1.30 -28.80 -10.84
CA GLU A 13 1.77 -28.81 -12.23
C GLU A 13 1.82 -27.41 -12.85
N LEU A 14 2.09 -26.42 -12.01
CA LEU A 14 2.21 -25.04 -12.47
C LEU A 14 3.62 -24.70 -12.89
N LYS A 15 3.72 -24.15 -14.09
CA LYS A 15 5.00 -23.78 -14.68
C LYS A 15 5.39 -22.35 -14.42
N ASP A 16 6.69 -22.08 -14.50
CA ASP A 16 7.22 -20.80 -14.05
C ASP A 16 6.75 -19.66 -14.86
N ASP A 17 6.31 -19.98 -16.06
CA ASP A 17 5.93 -18.98 -17.02
C ASP A 17 4.67 -18.26 -16.58
N ILE A 18 3.93 -18.89 -15.68
N ILE A 18 3.92 -18.90 -15.69
CA ILE A 18 2.69 -18.31 -15.17
CA ILE A 18 2.68 -18.28 -15.16
C ILE A 18 2.77 -18.05 -13.67
C ILE A 18 2.76 -18.10 -13.66
N LEU A 19 3.96 -18.26 -13.12
CA LEU A 19 4.22 -18.09 -11.68
C LEU A 19 5.10 -16.86 -11.38
N TYR A 20 4.59 -16.00 -10.54
CA TYR A 20 5.32 -14.80 -10.14
C TYR A 20 5.66 -14.83 -8.66
N PRO A 21 6.91 -15.17 -8.31
CA PRO A 21 7.24 -15.28 -6.91
C PRO A 21 7.27 -13.97 -6.13
N TYR A 22 6.92 -14.12 -4.86
CA TYR A 22 7.11 -13.10 -3.85
C TYR A 22 7.93 -13.71 -2.74
N GLY A 23 9.25 -13.54 -2.85
CA GLY A 23 10.15 -14.28 -1.98
C GLY A 23 10.14 -15.74 -2.36
N HIS A 24 10.47 -16.59 -1.41
CA HIS A 24 10.68 -18.02 -1.63
C HIS A 24 9.45 -18.90 -1.31
N TYR A 25 8.48 -18.31 -0.61
CA TYR A 25 7.35 -19.07 -0.06
C TYR A 25 5.95 -18.61 -0.50
N ILE A 26 5.90 -17.66 -1.42
CA ILE A 26 4.64 -17.16 -1.98
C ILE A 26 4.79 -16.92 -3.45
N ALA A 27 3.72 -17.17 -4.20
CA ALA A 27 3.63 -16.74 -5.61
C ALA A 27 2.24 -16.38 -6.06
N LYS A 28 2.20 -15.45 -7.01
CA LYS A 28 1.00 -15.17 -7.78
C LYS A 28 0.95 -16.11 -8.97
N ILE A 29 -0.24 -16.54 -9.30
CA ILE A 29 -0.54 -17.27 -10.52
C ILE A 29 -1.28 -16.36 -11.47
N ASP A 30 -0.74 -16.31 -12.67
CA ASP A 30 -1.42 -15.57 -13.74
C ASP A 30 -2.86 -16.01 -13.98
N HIS A 31 -3.76 -15.05 -13.79
CA HIS A 31 -5.19 -15.31 -13.85
C HIS A 31 -5.57 -15.81 -15.23
N ARG A 32 -4.76 -15.50 -16.22
CA ARG A 32 -5.12 -15.86 -17.62
C ARG A 32 -4.95 -17.36 -17.79
N PHE A 33 -4.28 -17.96 -16.83
CA PHE A 33 -4.09 -19.43 -16.84
C PHE A 33 -5.42 -20.19 -16.67
N LEU A 34 -6.36 -19.55 -15.99
CA LEU A 34 -7.66 -20.18 -15.74
C LEU A 34 -8.40 -20.44 -17.06
N LYS A 35 -8.30 -19.49 -17.97
CA LYS A 35 -8.98 -19.60 -19.26
C LYS A 35 -8.34 -20.72 -20.08
N SER A 36 -7.05 -20.91 -19.83
CA SER A 36 -6.31 -21.97 -20.52
C SER A 36 -6.89 -23.34 -20.17
N LEU A 37 -7.43 -23.42 -18.97
CA LEU A 37 -7.88 -24.70 -18.39
C LEU A 37 -9.33 -24.94 -18.66
N GLU A 38 -9.91 -24.15 -19.55
CA GLU A 38 -11.37 -24.11 -19.65
C GLU A 38 -11.95 -25.43 -20.15
N ASN A 39 -11.10 -26.28 -20.69
CA ASN A 39 -11.59 -27.56 -21.26
C ASN A 39 -11.30 -28.72 -20.33
N HIS A 40 -10.63 -28.37 -19.24
CA HIS A 40 -10.31 -29.31 -18.15
C HIS A 40 -11.51 -29.45 -17.24
N GLU A 41 -11.61 -30.59 -16.58
CA GLU A 41 -12.80 -30.86 -15.78
C GLU A 41 -12.67 -30.20 -14.42
N ASP A 42 -13.79 -29.74 -13.91
CA ASP A 42 -13.90 -29.21 -12.56
C ASP A 42 -14.03 -30.33 -11.56
N GLY A 43 -13.35 -30.17 -10.43
CA GLY A 43 -13.55 -30.99 -9.25
C GLY A 43 -14.75 -30.57 -8.45
N LYS A 44 -14.81 -31.11 -7.24
CA LYS A 44 -15.85 -30.81 -6.26
C LYS A 44 -15.56 -29.52 -5.49
N LEU A 45 -16.64 -28.84 -5.18
CA LEU A 45 -16.63 -27.61 -4.39
C LEU A 45 -17.35 -27.81 -3.08
N ILE A 46 -16.60 -27.57 -2.02
CA ILE A 46 -17.09 -27.66 -0.66
C ILE A 46 -17.18 -26.29 -0.02
N LEU A 47 -18.40 -25.89 0.28
CA LEU A 47 -18.68 -24.61 0.93
C LEU A 47 -18.64 -24.77 2.44
N VAL A 48 -17.80 -23.99 3.09
CA VAL A 48 -17.68 -23.98 4.55
C VAL A 48 -18.32 -22.75 5.11
N THR A 49 -19.22 -22.99 6.06
CA THR A 49 -20.01 -21.96 6.71
C THR A 49 -20.13 -22.34 8.18
N ALA A 50 -21.01 -21.67 8.89
CA ALA A 50 -21.05 -21.80 10.34
C ALA A 50 -22.41 -21.38 10.91
N VAL A 51 -22.63 -21.84 12.15
CA VAL A 51 -23.75 -21.40 12.94
C VAL A 51 -23.54 -19.93 13.21
N THR A 52 -24.57 -19.31 13.72
CA THR A 52 -24.53 -17.88 14.02
C THR A 52 -23.35 -17.56 14.95
N PRO A 53 -22.45 -16.68 14.49
CA PRO A 53 -21.24 -16.33 15.25
C PRO A 53 -21.53 -15.81 16.65
N THR A 54 -20.69 -16.22 17.57
CA THR A 54 -20.75 -15.78 18.96
C THR A 54 -19.38 -15.26 19.37
N PRO A 55 -19.31 -14.51 20.47
CA PRO A 55 -18.05 -13.96 20.97
C PRO A 55 -17.11 -15.04 21.46
N ALA A 56 -17.60 -16.27 21.55
CA ALA A 56 -16.81 -17.39 22.08
C ALA A 56 -15.81 -17.84 21.03
N GLY A 57 -16.16 -17.53 19.77
CA GLY A 57 -15.35 -17.88 18.58
C GLY A 57 -15.41 -19.33 18.16
N GLU A 58 -15.76 -19.57 16.89
CA GLU A 58 -16.09 -20.92 16.39
C GLU A 58 -15.03 -21.56 15.52
N GLY A 59 -14.04 -20.77 15.13
CA GLY A 59 -12.83 -21.27 14.43
C GLY A 59 -13.08 -21.78 13.01
N LYS A 60 -13.98 -21.11 12.30
CA LYS A 60 -14.35 -21.56 10.94
C LYS A 60 -13.15 -21.67 9.98
N THR A 61 -12.34 -20.63 9.96
CA THR A 61 -11.21 -20.60 9.02
C THR A 61 -10.20 -21.72 9.31
N THR A 62 -9.97 -21.94 10.61
CA THR A 62 -9.07 -23.00 11.09
C THR A 62 -9.60 -24.35 10.57
N THR A 63 -10.92 -24.48 10.59
CA THR A 63 -11.60 -25.71 10.21
C THR A 63 -11.54 -25.92 8.72
N SER A 64 -11.76 -24.86 7.96
CA SER A 64 -11.58 -24.92 6.50
C SER A 64 -10.21 -25.45 6.08
N ILE A 65 -9.18 -24.88 6.69
CA ILE A 65 -7.81 -25.26 6.38
C ILE A 65 -7.64 -26.75 6.79
N GLY A 66 -8.12 -27.10 7.96
CA GLY A 66 -7.96 -28.45 8.49
C GLY A 66 -8.67 -29.47 7.62
N LEU A 67 -9.87 -29.12 7.15
CA LEU A 67 -10.60 -30.01 6.22
C LEU A 67 -9.81 -30.29 4.95
N SER A 68 -9.23 -29.24 4.37
CA SER A 68 -8.46 -29.43 3.15
C SER A 68 -7.26 -30.32 3.44
N SER A 70 -6.98 -32.52 5.69
CA SER A 70 -7.50 -33.89 6.02
C SER A 70 -7.95 -34.67 4.78
N LEU A 71 -8.47 -33.94 3.79
CA LEU A 71 -8.82 -34.51 2.51
C LEU A 71 -7.57 -35.01 1.82
N ASN A 72 -6.54 -34.15 1.78
CA ASN A 72 -5.25 -34.58 1.25
C ASN A 72 -4.72 -35.81 2.02
N ARG A 73 -4.89 -35.78 3.32
CA ARG A 73 -4.41 -36.86 4.23
C ARG A 73 -5.04 -38.20 3.84
N ILE A 74 -6.32 -38.18 3.47
CA ILE A 74 -7.08 -39.42 3.14
C ILE A 74 -6.97 -39.75 1.65
N GLY A 75 -6.07 -39.02 0.99
CA GLY A 75 -5.68 -39.31 -0.39
C GLY A 75 -6.52 -38.60 -1.45
N LYS A 76 -7.21 -37.53 -1.06
CA LYS A 76 -8.03 -36.77 -2.02
C LYS A 76 -7.44 -35.38 -2.20
N LYS A 77 -6.93 -35.13 -3.40
CA LYS A 77 -6.24 -33.88 -3.68
C LYS A 77 -7.17 -32.71 -3.43
N SER A 78 -6.70 -31.79 -2.60
CA SER A 78 -7.50 -30.65 -2.12
C SER A 78 -6.72 -29.35 -1.98
N ILE A 79 -7.40 -28.26 -2.33
CA ILE A 79 -6.91 -26.91 -2.16
C ILE A 79 -7.93 -26.15 -1.31
N VAL A 80 -7.41 -25.41 -0.35
CA VAL A 80 -8.26 -24.48 0.41
C VAL A 80 -8.13 -23.08 -0.20
N THR A 81 -9.26 -22.41 -0.35
CA THR A 81 -9.27 -21.03 -0.84
C THR A 81 -9.85 -20.15 0.26
N LEU A 82 -9.15 -19.04 0.51
CA LEU A 82 -9.47 -18.14 1.60
C LEU A 82 -9.41 -16.68 1.21
N ARG A 83 -10.09 -15.85 1.98
CA ARG A 83 -9.95 -14.40 1.86
C ARG A 83 -8.62 -13.96 2.47
N GLU A 84 -8.05 -12.93 1.87
CA GLU A 84 -6.93 -12.25 2.51
C GLU A 84 -7.44 -11.36 3.66
N PRO A 85 -6.87 -11.52 4.87
CA PRO A 85 -7.29 -10.65 5.97
C PRO A 85 -6.86 -9.20 5.78
N SER A 86 -7.65 -8.29 6.31
CA SER A 86 -7.25 -6.90 6.38
C SER A 86 -6.11 -6.78 7.37
N LEU A 87 -5.22 -5.84 7.11
N LEU A 87 -5.21 -5.85 7.10
CA LEU A 87 -4.08 -5.62 8.00
CA LEU A 87 -4.06 -5.58 7.98
C LEU A 87 -4.56 -4.92 9.26
C LEU A 87 -4.53 -4.91 9.24
N GLY A 88 -5.45 -3.97 9.08
CA GLY A 88 -5.89 -3.14 10.18
C GLY A 88 -6.23 -3.90 11.47
N PRO A 89 -7.14 -4.88 11.39
CA PRO A 89 -7.63 -5.55 12.59
C PRO A 89 -6.55 -6.26 13.38
N THR A 90 -5.54 -6.71 12.69
CA THR A 90 -4.39 -7.41 13.33
C THR A 90 -3.54 -6.48 14.19
N LEU A 91 -3.56 -5.20 13.81
CA LEU A 91 -2.79 -4.20 14.56
C LEU A 91 -3.59 -3.90 15.81
N GLY A 92 -4.86 -4.28 15.78
CA GLY A 92 -5.73 -4.15 16.93
C GLY A 92 -5.81 -5.35 17.86
N LEU A 93 -6.07 -6.50 17.26
CA LEU A 93 -6.21 -7.79 17.98
C LEU A 93 -5.72 -8.95 17.12
N LYS A 94 -5.04 -9.91 17.72
CA LYS A 94 -4.75 -11.18 17.00
C LYS A 94 -6.06 -11.83 16.60
N GLY A 95 -6.13 -12.32 15.37
CA GLY A 95 -7.34 -12.93 14.84
C GLY A 95 -7.09 -14.31 14.26
N GLY A 96 -8.13 -14.89 13.66
CA GLY A 96 -8.10 -16.28 13.19
C GLY A 96 -8.11 -16.49 11.70
N ALA A 97 -7.81 -15.40 10.99
CA ALA A 97 -7.98 -15.36 9.52
C ALA A 97 -6.94 -16.19 8.79
N THR A 98 -5.87 -16.57 9.46
CA THR A 98 -4.86 -17.47 8.88
C THR A 98 -4.83 -18.82 9.61
N GLY A 99 -5.92 -19.07 10.30
CA GLY A 99 -6.13 -20.31 11.06
C GLY A 99 -5.51 -20.30 12.46
N GLY A 100 -5.14 -21.46 12.95
CA GLY A 100 -4.60 -21.49 14.32
C GLY A 100 -4.01 -22.85 14.65
N GLY A 101 -3.19 -22.89 15.69
CA GLY A 101 -2.67 -24.20 16.17
C GLY A 101 -1.94 -24.90 15.05
N ARG A 102 -2.31 -26.14 14.80
CA ARG A 102 -1.67 -27.00 13.78
C ARG A 102 -2.35 -26.93 12.43
N SER A 103 -3.25 -25.97 12.30
N SER A 103 -3.23 -25.95 12.27
CA SER A 103 -4.05 -25.78 11.09
CA SER A 103 -4.07 -25.82 11.06
C SER A 103 -4.03 -24.32 10.67
C SER A 103 -4.08 -24.37 10.54
N ARG A 104 -2.93 -23.98 10.02
CA ARG A 104 -2.67 -22.64 9.56
C ARG A 104 -2.33 -22.60 8.08
N VAL A 105 -2.44 -21.41 7.54
CA VAL A 105 -1.82 -21.08 6.25
C VAL A 105 -0.55 -20.23 6.54
N LEU A 106 0.48 -20.54 5.75
CA LEU A 106 1.85 -20.09 5.98
C LEU A 106 2.47 -19.54 4.70
N PRO A 107 3.33 -18.51 4.84
CA PRO A 107 3.86 -17.89 6.06
C PRO A 107 2.88 -16.90 6.69
N SER A 108 2.57 -17.13 7.96
N SER A 108 2.58 -17.14 7.96
CA SER A 108 1.43 -16.44 8.58
CA SER A 108 1.44 -16.45 8.61
C SER A 108 1.61 -14.93 8.71
C SER A 108 1.62 -14.94 8.71
N ASP A 109 2.83 -14.51 9.02
CA ASP A 109 3.09 -13.08 9.29
C ASP A 109 2.82 -12.29 8.02
N GLU A 110 3.37 -12.79 6.93
CA GLU A 110 3.27 -12.14 5.64
C GLU A 110 1.85 -12.07 5.17
N ILE A 111 1.10 -13.17 5.38
CA ILE A 111 -0.31 -13.21 4.93
C ILE A 111 -1.11 -12.18 5.70
N ASN A 112 -0.83 -12.14 6.99
CA ASN A 112 -1.51 -11.22 7.90
C ASN A 112 -1.16 -9.74 7.64
N LEU A 113 0.01 -9.48 7.09
CA LEU A 113 0.49 -8.10 6.94
C LEU A 113 0.35 -7.64 5.49
N HIS A 114 1.48 -7.35 4.86
CA HIS A 114 1.45 -6.81 3.48
C HIS A 114 1.13 -7.82 2.43
N PHE A 115 1.39 -9.08 2.78
CA PHE A 115 1.24 -10.19 1.82
C PHE A 115 1.84 -9.81 0.46
N THR A 116 1.04 -9.88 -0.59
CA THR A 116 1.54 -9.62 -1.96
C THR A 116 1.14 -8.26 -2.47
N GLY A 117 0.64 -7.46 -1.52
CA GLY A 117 0.27 -6.04 -1.76
C GLY A 117 -1.11 -5.78 -2.40
N ASP A 118 -2.00 -6.77 -2.36
CA ASP A 118 -3.29 -6.62 -3.05
C ASP A 118 -4.15 -5.54 -2.34
N HIS A 120 -3.06 -2.95 -0.83
CA HIS A 120 -2.46 -1.64 -1.15
C HIS A 120 -2.86 -1.20 -2.53
N ALA A 121 -2.99 -2.18 -3.41
CA ALA A 121 -3.36 -1.91 -4.79
C ALA A 121 -4.81 -1.39 -4.87
N VAL A 122 -5.68 -2.04 -4.10
CA VAL A 122 -7.08 -1.65 -4.03
C VAL A 122 -7.18 -0.24 -3.45
N ALA A 123 -6.44 0.01 -2.38
CA ALA A 123 -6.50 1.33 -1.72
C ALA A 123 -6.05 2.43 -2.68
N SER A 124 -4.99 2.15 -3.43
N SER A 124 -4.99 2.18 -3.44
CA SER A 124 -4.44 3.09 -4.40
CA SER A 124 -4.45 3.18 -4.36
C SER A 124 -5.44 3.48 -5.47
C SER A 124 -5.44 3.49 -5.49
N ALA A 125 -6.04 2.46 -6.06
CA ALA A 125 -7.07 2.66 -7.09
C ALA A 125 -8.27 3.44 -6.54
N HIS A 126 -8.70 3.06 -5.34
CA HIS A 126 -9.88 3.65 -4.71
C HIS A 126 -9.65 5.13 -4.42
N ASN A 127 -8.49 5.39 -3.82
CA ASN A 127 -8.09 6.76 -3.42
C ASN A 127 -7.77 7.67 -4.59
N LEU A 128 -7.29 7.07 -5.69
CA LEU A 128 -7.07 7.80 -6.92
C LEU A 128 -8.37 8.43 -7.41
N LEU A 129 -9.45 7.65 -7.37
N LEU A 129 -9.47 7.66 -7.35
CA LEU A 129 -10.73 8.14 -7.85
CA LEU A 129 -10.75 8.15 -7.86
C LEU A 129 -11.13 9.33 -6.98
C LEU A 129 -11.24 9.30 -6.97
N ALA A 130 -11.04 9.15 -5.68
CA ALA A 130 -11.41 10.22 -4.73
C ALA A 130 -10.62 11.53 -5.06
N ALA A 131 -9.31 11.36 -5.25
CA ALA A 131 -8.42 12.48 -5.54
C ALA A 131 -8.83 13.18 -6.84
N VAL A 132 -9.12 12.36 -7.83
CA VAL A 132 -9.49 12.84 -9.15
C VAL A 132 -10.86 13.54 -9.09
N LEU A 133 -11.73 13.05 -8.22
CA LEU A 133 -13.08 13.63 -8.06
C LEU A 133 -12.98 15.05 -7.50
N ASP A 134 -12.20 15.17 -6.43
CA ASP A 134 -11.99 16.47 -5.81
C ASP A 134 -11.29 17.45 -6.73
N SER A 135 -10.36 16.93 -7.54
CA SER A 135 -9.57 17.79 -8.44
C SER A 135 -10.44 18.24 -9.63
N HIS A 136 -11.32 17.35 -10.08
CA HIS A 136 -12.31 17.70 -11.07
C HIS A 136 -13.13 18.89 -10.59
N ILE A 137 -13.59 18.83 -9.34
CA ILE A 137 -14.39 19.92 -8.77
C ILE A 137 -13.55 21.20 -8.68
N LYS A 138 -12.29 21.04 -8.26
CA LYS A 138 -11.40 22.16 -8.03
C LYS A 138 -11.25 22.97 -9.31
N HIS A 139 -11.09 22.23 -10.40
CA HIS A 139 -10.68 22.79 -11.70
C HIS A 139 -11.85 23.21 -12.56
N GLY A 140 -13.02 23.31 -11.98
CA GLY A 140 -14.17 23.90 -12.68
C GLY A 140 -15.46 23.13 -12.60
N ASN A 141 -15.36 21.91 -12.08
CA ASN A 141 -16.52 21.06 -11.89
C ASN A 141 -17.45 20.97 -13.10
N GLU A 142 -16.90 20.56 -14.25
CA GLU A 142 -17.72 20.46 -15.46
C GLU A 142 -18.86 19.48 -15.34
N LEU A 143 -18.68 18.44 -14.53
CA LEU A 143 -19.70 17.39 -14.32
C LEU A 143 -20.81 17.85 -13.35
N LYS A 144 -20.60 19.01 -12.76
CA LYS A 144 -21.57 19.64 -11.81
C LYS A 144 -21.88 18.72 -10.64
N ILE A 145 -20.83 18.10 -10.13
CA ILE A 145 -20.97 17.24 -8.95
C ILE A 145 -21.48 18.06 -7.76
N ASP A 146 -22.51 17.50 -7.14
CA ASP A 146 -23.08 18.00 -5.88
C ASP A 146 -22.28 17.45 -4.69
N ILE A 147 -21.50 18.33 -4.08
CA ILE A 147 -20.58 17.92 -3.02
C ILE A 147 -21.26 17.47 -1.73
N THR A 148 -22.58 17.62 -1.68
CA THR A 148 -23.37 17.04 -0.59
C THR A 148 -23.96 15.68 -0.97
N ARG A 149 -23.67 15.23 -2.18
CA ARG A 149 -24.23 13.97 -2.66
C ARG A 149 -23.14 13.11 -3.31
N VAL A 150 -22.03 13.02 -2.62
CA VAL A 150 -20.91 12.15 -3.02
C VAL A 150 -20.97 10.86 -2.22
N PHE A 151 -21.20 9.75 -2.94
CA PHE A 151 -21.32 8.41 -2.36
C PHE A 151 -19.92 7.84 -2.06
N TRP A 152 -18.98 8.24 -2.89
CA TRP A 152 -17.61 7.69 -2.86
C TRP A 152 -16.83 8.23 -1.69
N LYS A 153 -16.24 7.29 -0.94
CA LYS A 153 -15.47 7.59 0.26
C LYS A 153 -13.96 7.35 -0.01
N ARG A 154 -13.14 7.71 0.94
CA ARG A 154 -11.76 7.35 0.85
C ARG A 154 -11.53 6.05 1.63
N THR A 155 -10.30 5.56 1.53
CA THR A 155 -9.94 4.29 2.12
C THR A 155 -8.54 4.21 2.71
N ASP A 157 -6.25 0.77 4.97
CA ASP A 157 -6.29 -0.51 5.71
C ASP A 157 -5.70 -0.34 7.08
N ASN A 159 -7.34 0.47 11.28
CA ASN A 159 -8.50 0.52 12.16
C ASN A 159 -8.45 1.91 12.76
N ASP A 160 -8.98 2.90 12.04
CA ASP A 160 -8.88 4.30 12.49
C ASP A 160 -10.22 5.05 12.53
N ARG A 161 -10.81 5.03 13.70
CA ARG A 161 -12.11 5.63 13.92
C ARG A 161 -12.12 7.14 13.68
N ALA A 162 -10.95 7.77 13.82
CA ALA A 162 -10.81 9.22 13.69
C ALA A 162 -11.18 9.68 12.29
N LEU A 163 -11.16 8.75 11.36
CA LEU A 163 -11.41 9.07 9.93
C LEU A 163 -12.84 8.74 9.47
N ARG A 164 -13.69 8.36 10.43
CA ARG A 164 -15.08 7.94 10.11
C ARG A 164 -15.85 9.11 9.52
N SER A 165 -15.65 10.27 10.13
CA SER A 165 -16.32 11.50 9.69
C SER A 165 -15.35 12.66 9.75
N ILE A 166 -15.05 13.17 8.58
CA ILE A 166 -14.07 14.23 8.43
C ILE A 166 -14.56 15.35 7.51
N VAL A 167 -13.87 16.48 7.58
CA VAL A 167 -14.04 17.55 6.62
C VAL A 167 -12.74 17.76 5.90
N ILE A 168 -12.84 17.76 4.59
CA ILE A 168 -11.69 17.94 3.71
C ILE A 168 -11.78 19.25 2.91
N GLY A 169 -10.70 19.51 2.19
CA GLY A 169 -10.67 20.60 1.22
C GLY A 169 -10.68 21.99 1.85
N LEU A 170 -10.12 22.07 3.04
CA LEU A 170 -9.97 23.37 3.73
C LEU A 170 -8.66 24.07 3.34
N GLY A 171 -8.57 25.35 3.67
CA GLY A 171 -7.29 26.05 3.61
C GLY A 171 -7.26 27.08 2.51
N GLY A 172 -8.27 27.06 1.67
CA GLY A 172 -8.46 28.12 0.65
C GLY A 172 -8.48 27.64 -0.77
N SER A 173 -8.55 28.61 -1.65
CA SER A 173 -8.81 28.38 -3.06
C SER A 173 -7.83 27.36 -3.70
N ALA A 174 -6.58 27.43 -3.29
CA ALA A 174 -5.54 26.59 -3.89
C ALA A 174 -5.77 25.11 -3.54
N ASN A 175 -6.59 24.86 -2.52
CA ASN A 175 -6.81 23.47 -2.02
C ASN A 175 -8.16 22.90 -2.46
N GLY A 176 -8.92 23.70 -3.16
CA GLY A 176 -10.22 23.26 -3.70
C GLY A 176 -11.31 23.63 -2.75
N PHE A 177 -12.38 22.83 -2.81
CA PHE A 177 -13.65 23.14 -2.16
C PHE A 177 -13.87 22.24 -0.94
N PRO A 178 -14.20 22.83 0.19
CA PRO A 178 -14.54 22.05 1.42
C PRO A 178 -15.68 21.09 1.20
N ARG A 179 -15.55 19.87 1.71
CA ARG A 179 -16.70 18.96 1.79
C ARG A 179 -16.54 17.94 2.89
N GLU A 180 -17.63 17.28 3.18
CA GLU A 180 -17.60 16.22 4.17
C GLU A 180 -17.22 14.91 3.49
N ASP A 181 -16.42 14.13 4.20
CA ASP A 181 -15.99 12.82 3.69
C ASP A 181 -15.87 11.82 4.85
N SER A 182 -15.49 10.62 4.45
CA SER A 182 -15.30 9.46 5.32
C SER A 182 -14.25 8.55 4.74
N PHE A 183 -13.59 7.85 5.64
CA PHE A 183 -12.75 6.72 5.26
C PHE A 183 -13.44 5.43 5.73
N ILE A 184 -13.35 4.45 4.84
CA ILE A 184 -13.72 3.08 5.10
C ILE A 184 -12.48 2.20 5.02
N ILE A 185 -12.51 1.09 5.72
CA ILE A 185 -11.43 0.13 5.67
C ILE A 185 -11.43 -0.46 4.26
N THR A 186 -10.24 -0.72 3.76
CA THR A 186 -10.07 -1.00 2.34
C THR A 186 -10.85 -2.23 1.87
N ALA A 187 -10.98 -3.21 2.73
CA ALA A 187 -11.71 -4.47 2.37
C ALA A 187 -13.18 -4.21 2.02
N ALA A 188 -13.73 -3.13 2.60
CA ALA A 188 -15.13 -2.70 2.39
C ALA A 188 -15.37 -1.96 1.06
N SER A 189 -14.29 -1.64 0.38
CA SER A 189 -14.35 -0.94 -0.91
C SER A 189 -15.12 -1.75 -1.95
N GLU A 190 -15.94 -1.08 -2.74
CA GLU A 190 -16.56 -1.75 -3.91
C GLU A 190 -15.49 -2.24 -4.88
N VAL A 191 -14.32 -1.61 -4.86
CA VAL A 191 -13.22 -2.05 -5.75
C VAL A 191 -12.83 -3.50 -5.36
N ALA A 193 -14.77 -5.76 -3.87
CA ALA A 193 -15.88 -6.67 -4.25
C ALA A 193 -15.75 -6.98 -5.74
N ILE A 194 -15.51 -5.93 -6.52
CA ILE A 194 -15.33 -6.08 -7.97
C ILE A 194 -14.13 -6.99 -8.33
N LEU A 195 -13.01 -6.75 -7.67
CA LEU A 195 -11.78 -7.52 -7.92
C LEU A 195 -12.08 -9.01 -7.69
N ALA A 196 -12.90 -9.25 -6.69
CA ALA A 196 -13.27 -10.61 -6.25
C ALA A 196 -14.27 -11.25 -7.21
N LEU A 197 -14.86 -10.44 -8.11
CA LEU A 197 -15.93 -10.90 -8.95
C LEU A 197 -15.57 -10.95 -10.43
N SER A 198 -14.41 -10.39 -10.74
CA SER A 198 -13.96 -10.22 -12.14
C SER A 198 -13.27 -11.48 -12.67
N GLU A 199 -13.49 -11.77 -13.95
CA GLU A 199 -12.86 -12.96 -14.59
C GLU A 199 -11.63 -12.61 -15.39
N ASN A 200 -11.48 -11.32 -15.65
CA ASN A 200 -10.35 -10.83 -16.47
C ASN A 200 -10.29 -9.32 -16.45
N LYS A 202 -10.71 -7.03 -18.77
CA LYS A 202 -11.73 -6.32 -19.53
C LYS A 202 -12.96 -6.19 -18.62
N ASP A 203 -13.31 -7.32 -18.03
CA ASP A 203 -14.41 -7.44 -17.08
C ASP A 203 -14.17 -6.44 -15.90
N LEU A 204 -12.95 -6.43 -15.39
CA LEU A 204 -12.62 -5.56 -14.26
C LEU A 204 -12.86 -4.06 -14.59
N LYS A 205 -12.34 -3.64 -15.72
N LYS A 205 -12.35 -3.66 -15.74
CA LYS A 205 -12.37 -2.23 -16.11
CA LYS A 205 -12.37 -2.26 -16.14
C LYS A 205 -13.81 -1.80 -16.37
C LYS A 205 -13.81 -1.80 -16.38
N GLU A 206 -14.59 -2.71 -16.94
CA GLU A 206 -15.98 -2.41 -17.29
C GLU A 206 -16.81 -2.21 -16.00
N ARG A 207 -16.55 -3.10 -15.06
CA ARG A 207 -17.15 -3.02 -13.74
C ARG A 207 -16.73 -1.73 -13.03
N LEU A 208 -15.43 -1.44 -12.98
CA LEU A 208 -14.96 -0.21 -12.33
C LEU A 208 -15.70 1.05 -12.88
N GLY A 209 -15.83 1.09 -14.20
CA GLY A 209 -16.39 2.25 -14.86
C GLY A 209 -17.84 2.48 -14.49
N LYS A 210 -18.51 1.42 -14.06
CA LYS A 210 -19.95 1.46 -13.74
C LYS A 210 -20.25 1.98 -12.35
N ILE A 211 -19.21 2.10 -11.55
CA ILE A 211 -19.39 2.50 -10.15
C ILE A 211 -20.04 3.89 -10.09
N ILE A 212 -21.04 4.00 -9.22
CA ILE A 212 -21.72 5.29 -8.93
C ILE A 212 -20.98 6.06 -7.85
N VAL A 213 -20.53 7.25 -8.26
N VAL A 213 -20.50 7.25 -8.18
CA VAL A 213 -19.58 8.09 -7.53
CA VAL A 213 -19.66 8.00 -7.23
C VAL A 213 -20.30 9.17 -6.72
C VAL A 213 -20.37 9.18 -6.61
N ALA A 214 -21.33 9.73 -7.35
CA ALA A 214 -21.99 10.96 -6.90
C ALA A 214 -23.28 11.24 -7.71
N LEU A 215 -24.09 12.15 -7.17
CA LEU A 215 -25.11 12.82 -7.98
C LEU A 215 -24.65 14.24 -8.34
N ASP A 216 -25.10 14.69 -9.51
CA ASP A 216 -24.82 16.07 -9.96
C ASP A 216 -25.96 17.00 -9.49
N ALA A 217 -25.85 18.25 -9.93
CA ALA A 217 -26.74 19.32 -9.45
C ALA A 217 -28.19 19.10 -9.88
N ASP A 218 -28.40 18.27 -10.89
CA ASP A 218 -29.73 17.93 -11.40
C ASP A 218 -30.17 16.53 -10.97
N ARG A 219 -29.39 15.97 -10.06
CA ARG A 219 -29.61 14.65 -9.44
C ARG A 219 -29.41 13.49 -10.40
N LYS A 220 -28.63 13.74 -11.43
CA LYS A 220 -28.19 12.65 -12.33
C LYS A 220 -27.04 11.94 -11.68
N ILE A 221 -26.96 10.66 -12.03
CA ILE A 221 -25.83 9.80 -11.65
C ILE A 221 -24.54 10.14 -12.38
N VAL A 222 -23.49 10.25 -11.58
CA VAL A 222 -22.15 10.36 -12.04
C VAL A 222 -21.42 9.06 -11.73
N ARG A 223 -20.84 8.50 -12.78
N ARG A 223 -20.83 8.49 -12.77
CA ARG A 223 -20.13 7.20 -12.73
CA ARG A 223 -20.09 7.23 -12.69
C ARG A 223 -18.63 7.42 -12.93
C ARG A 223 -18.61 7.43 -12.90
N ILE A 224 -17.84 6.40 -12.58
CA ILE A 224 -16.40 6.48 -12.74
C ILE A 224 -16.11 6.74 -14.23
N SER A 225 -16.90 6.13 -15.08
CA SER A 225 -16.67 6.27 -16.53
C SER A 225 -16.80 7.75 -16.96
N ASP A 226 -17.59 8.51 -16.22
CA ASP A 226 -17.76 9.93 -16.53
C ASP A 226 -16.47 10.69 -16.21
N LEU A 227 -15.66 10.15 -15.30
CA LEU A 227 -14.37 10.77 -14.98
C LEU A 227 -13.24 10.20 -15.84
N GLY A 228 -13.44 9.01 -16.39
CA GLY A 228 -12.49 8.46 -17.36
C GLY A 228 -11.22 7.87 -16.80
N ILE A 229 -11.36 7.37 -15.56
N ILE A 229 -11.26 7.41 -15.55
CA ILE A 229 -10.24 6.94 -14.72
CA ILE A 229 -10.04 6.86 -14.93
C ILE A 229 -10.19 5.43 -14.51
C ILE A 229 -10.14 5.38 -14.57
N GLN A 230 -11.19 4.74 -15.03
CA GLN A 230 -11.31 3.28 -14.84
C GLN A 230 -10.09 2.52 -15.40
N GLY A 231 -9.50 3.06 -16.46
CA GLY A 231 -8.31 2.48 -17.09
C GLY A 231 -7.12 2.51 -16.15
N ALA A 232 -6.92 3.67 -15.51
CA ALA A 232 -5.82 3.87 -14.55
C ALA A 232 -6.00 2.99 -13.32
N ALA A 234 -7.56 0.12 -13.22
CA ALA A 234 -7.28 -1.22 -13.74
C ALA A 234 -5.77 -1.48 -13.77
N VAL A 235 -5.01 -0.46 -14.20
CA VAL A 235 -3.56 -0.58 -14.25
C VAL A 235 -3.06 -0.81 -12.86
N LEU A 236 -3.61 -0.06 -11.91
CA LEU A 236 -3.13 -0.16 -10.51
C LEU A 236 -3.44 -1.54 -9.91
N LEU A 237 -4.35 -2.24 -10.57
CA LEU A 237 -4.92 -3.55 -10.06
C LEU A 237 -4.43 -4.74 -10.89
N LYS A 238 -3.51 -4.47 -11.79
CA LYS A 238 -3.10 -5.46 -12.80
C LYS A 238 -2.45 -6.72 -12.20
N ASP A 239 -1.67 -6.56 -11.15
CA ASP A 239 -1.09 -7.71 -10.43
C ASP A 239 -2.07 -8.25 -9.37
N ALA A 240 -2.91 -7.37 -8.83
CA ALA A 240 -3.84 -7.73 -7.75
C ALA A 240 -4.92 -8.72 -8.17
N ILE A 241 -5.20 -8.78 -9.47
CA ILE A 241 -6.21 -9.67 -10.03
C ILE A 241 -5.70 -11.14 -10.06
N ASN A 242 -4.40 -11.30 -9.87
CA ASN A 242 -3.77 -12.65 -9.91
C ASN A 242 -3.78 -13.29 -8.50
N PRO A 243 -4.34 -14.50 -8.35
CA PRO A 243 -4.43 -15.11 -7.03
C PRO A 243 -3.08 -15.55 -6.49
N ASN A 244 -3.05 -15.63 -5.17
CA ASN A 244 -1.84 -15.90 -4.39
C ASN A 244 -1.82 -17.36 -3.92
N LEU A 245 -0.73 -18.04 -4.27
CA LEU A 245 -0.45 -19.41 -3.82
C LEU A 245 0.47 -19.43 -2.59
N VAL A 246 -0.02 -20.10 -1.56
CA VAL A 246 0.71 -20.38 -0.32
C VAL A 246 0.42 -21.86 0.07
N GLN A 247 0.64 -22.18 1.32
CA GLN A 247 0.55 -23.57 1.81
C GLN A 247 0.01 -23.62 3.21
N THR A 248 -0.44 -24.80 3.58
CA THR A 248 -0.89 -25.08 4.94
C THR A 248 0.24 -25.62 5.79
N THR A 249 -0.06 -25.76 7.07
CA THR A 249 0.88 -26.28 8.07
C THR A 249 1.52 -27.57 7.53
N GLU A 250 0.70 -28.34 6.84
CA GLU A 250 1.12 -29.66 6.38
C GLU A 250 1.65 -29.67 4.95
N GLY A 251 1.86 -28.50 4.41
CA GLY A 251 2.47 -28.39 3.11
C GLY A 251 1.56 -28.63 1.94
N THR A 252 0.26 -28.54 2.20
CA THR A 252 -0.76 -28.68 1.15
C THR A 252 -1.12 -27.31 0.56
N PRO A 253 -1.65 -27.26 -0.68
CA PRO A 253 -1.81 -25.93 -1.29
C PRO A 253 -3.00 -25.16 -0.82
N ALA A 254 -2.81 -23.84 -0.83
CA ALA A 254 -3.84 -22.86 -0.48
C ALA A 254 -3.78 -21.66 -1.45
N LEU A 255 -4.96 -21.17 -1.81
CA LEU A 255 -5.08 -19.92 -2.56
C LEU A 255 -5.79 -18.90 -1.68
N ILE A 256 -5.17 -17.74 -1.59
CA ILE A 256 -5.67 -16.60 -0.80
C ILE A 256 -5.80 -15.41 -1.73
N HIS A 257 -7.01 -14.91 -1.87
CA HIS A 257 -7.25 -13.83 -2.82
C HIS A 257 -8.51 -13.04 -2.57
N CYS A 258 -8.28 -11.75 -2.28
CA CYS A 258 -9.32 -10.75 -2.06
C CYS A 258 -9.98 -10.93 -0.70
N GLY A 259 -10.59 -9.86 -0.22
CA GLY A 259 -11.25 -9.93 1.06
C GLY A 259 -12.47 -9.04 1.23
N PRO A 260 -13.48 -9.22 0.38
CA PRO A 260 -14.68 -8.41 0.56
C PRO A 260 -15.42 -8.68 1.86
N PHE A 261 -16.09 -7.63 2.33
CA PHE A 261 -16.98 -7.70 3.49
C PHE A 261 -18.09 -8.68 3.24
N ALA A 262 -18.60 -9.28 4.31
CA ALA A 262 -19.65 -10.32 4.22
C ALA A 262 -21.02 -9.77 4.59
N ASN A 263 -21.04 -8.49 4.91
CA ASN A 263 -22.31 -7.75 5.10
C ASN A 263 -22.69 -6.89 3.87
N ILE A 264 -21.91 -5.85 3.60
CA ILE A 264 -22.21 -4.99 2.45
C ILE A 264 -21.67 -5.57 1.15
N ALA A 265 -21.08 -6.75 1.25
CA ALA A 265 -20.68 -7.48 0.06
C ALA A 265 -20.85 -8.98 0.26
N HIS A 266 -20.21 -9.76 -0.60
CA HIS A 266 -20.54 -11.19 -0.74
C HIS A 266 -19.68 -12.12 0.12
N GLY A 267 -18.62 -11.57 0.69
CA GLY A 267 -17.93 -12.23 1.80
C GLY A 267 -17.23 -13.54 1.56
N THR A 268 -16.60 -13.67 0.40
CA THR A 268 -15.78 -14.85 0.05
C THR A 268 -14.64 -14.42 -0.85
N ASN A 269 -13.71 -15.35 -1.07
CA ASN A 269 -12.57 -15.07 -1.91
C ASN A 269 -12.97 -14.94 -3.38
N SER A 270 -12.00 -14.57 -4.20
CA SER A 270 -12.26 -14.28 -5.62
C SER A 270 -12.78 -15.51 -6.35
N ILE A 271 -13.62 -15.26 -7.35
CA ILE A 271 -14.11 -16.35 -8.19
C ILE A 271 -12.94 -16.88 -9.01
N ILE A 272 -11.95 -16.04 -9.29
CA ILE A 272 -10.78 -16.54 -10.01
C ILE A 272 -10.08 -17.67 -9.20
N ALA A 273 -9.90 -17.45 -7.89
CA ALA A 273 -9.20 -18.45 -7.04
C ALA A 273 -10.01 -19.76 -6.94
N THR A 274 -11.32 -19.60 -6.74
CA THR A 274 -12.21 -20.74 -6.51
C THR A 274 -12.23 -21.57 -7.78
N LYS A 275 -12.31 -20.88 -8.92
CA LYS A 275 -12.45 -21.54 -10.22
C LYS A 275 -11.17 -22.26 -10.59
N ALA A 277 -8.81 -23.32 -8.41
CA ALA A 277 -8.70 -24.46 -7.49
C ALA A 277 -9.51 -25.65 -8.01
N LYS A 279 -10.06 -26.47 -11.04
CA LYS A 279 -9.40 -27.12 -12.17
C LYS A 279 -8.19 -27.90 -11.68
N LEU A 280 -7.68 -27.58 -10.51
CA LEU A 280 -6.36 -28.04 -10.08
C LEU A 280 -6.41 -29.10 -8.98
N SER A 281 -7.61 -29.37 -8.47
CA SER A 281 -7.82 -30.31 -7.35
C SER A 281 -9.17 -30.99 -7.43
N GLU A 282 -9.24 -32.14 -6.77
CA GLU A 282 -10.49 -32.87 -6.64
C GLU A 282 -11.52 -32.22 -5.68
N TYR A 283 -10.99 -31.67 -4.60
CA TYR A 283 -11.82 -30.99 -3.58
C TYR A 283 -11.32 -29.56 -3.28
N THR A 284 -12.11 -28.62 -3.73
CA THR A 284 -11.88 -27.19 -3.41
C THR A 284 -12.70 -26.87 -2.15
N VAL A 285 -12.01 -26.42 -1.13
CA VAL A 285 -12.62 -26.07 0.14
C VAL A 285 -12.64 -24.53 0.20
N THR A 286 -13.83 -23.97 0.14
CA THR A 286 -13.99 -22.48 0.07
C THR A 286 -14.93 -22.01 1.16
N GLU A 287 -14.51 -21.03 1.93
CA GLU A 287 -15.41 -20.48 2.93
C GLU A 287 -16.10 -19.17 2.58
N ALA A 288 -17.16 -18.94 3.29
CA ALA A 288 -17.93 -17.69 3.20
C ALA A 288 -18.06 -17.11 4.60
N GLY A 289 -18.03 -15.78 4.68
CA GLY A 289 -18.05 -15.06 5.96
C GLY A 289 -19.33 -15.18 6.75
N PHE A 290 -19.16 -14.96 8.05
CA PHE A 290 -20.27 -14.92 9.00
C PHE A 290 -21.03 -16.26 9.02
N GLY A 291 -22.25 -16.22 9.53
CA GLY A 291 -23.09 -17.43 9.61
C GLY A 291 -23.69 -17.83 8.28
N ALA A 292 -24.31 -19.00 8.24
CA ALA A 292 -24.88 -19.55 7.01
C ALA A 292 -26.01 -18.69 6.46
N ASP A 293 -26.55 -17.82 7.29
CA ASP A 293 -27.63 -16.88 6.86
C ASP A 293 -27.13 -15.74 5.95
N LEU A 294 -25.82 -15.50 6.05
CA LEU A 294 -25.18 -14.41 5.28
C LEU A 294 -24.27 -14.98 4.21
N GLY A 295 -23.09 -15.43 4.63
CA GLY A 295 -22.09 -15.96 3.69
C GLY A 295 -22.60 -17.03 2.75
N ALA A 296 -23.31 -18.03 3.30
CA ALA A 296 -23.69 -19.21 2.51
C ALA A 296 -24.82 -18.83 1.54
N GLU A 297 -25.76 -18.05 2.02
CA GLU A 297 -26.86 -17.60 1.16
C GLU A 297 -26.30 -16.83 -0.04
N LYS A 298 -25.41 -15.89 0.25
CA LYS A 298 -24.80 -15.03 -0.78
C LYS A 298 -23.98 -15.91 -1.76
N PHE A 299 -23.39 -16.96 -1.21
CA PHE A 299 -22.51 -17.80 -2.03
C PHE A 299 -23.34 -18.50 -3.11
N ILE A 300 -24.53 -18.97 -2.72
CA ILE A 300 -25.40 -19.74 -3.63
C ILE A 300 -26.19 -18.83 -4.57
N ASP A 301 -26.87 -17.85 -3.98
CA ASP A 301 -27.82 -17.01 -4.73
C ASP A 301 -27.09 -16.03 -5.65
N PHE A 302 -25.88 -15.65 -5.27
CA PHE A 302 -25.12 -14.62 -6.05
C PHE A 302 -23.81 -15.12 -6.62
N VAL A 303 -22.87 -15.44 -5.74
CA VAL A 303 -21.48 -15.72 -6.18
C VAL A 303 -21.46 -16.86 -7.21
N SER A 304 -22.21 -17.91 -6.91
CA SER A 304 -22.24 -19.13 -7.72
C SER A 304 -22.72 -18.83 -9.12
N ARG A 305 -23.72 -17.97 -9.23
CA ARG A 305 -24.21 -17.62 -10.55
C ARG A 305 -23.23 -16.72 -11.31
N VAL A 306 -22.50 -15.89 -10.60
CA VAL A 306 -21.49 -15.06 -11.29
C VAL A 306 -20.40 -16.01 -11.76
N GLY A 307 -20.07 -16.95 -10.89
CA GLY A 307 -18.89 -17.79 -11.07
C GLY A 307 -19.12 -18.98 -11.95
N GLY A 308 -20.38 -19.34 -12.11
CA GLY A 308 -20.76 -20.47 -12.98
C GLY A 308 -20.43 -21.78 -12.32
N PHE A 309 -20.61 -21.82 -11.01
CA PHE A 309 -20.42 -23.07 -10.26
C PHE A 309 -21.50 -23.28 -9.24
N TYR A 310 -21.44 -24.41 -8.56
CA TYR A 310 -22.37 -24.72 -7.48
C TYR A 310 -21.74 -25.75 -6.55
N PRO A 311 -21.88 -25.54 -5.24
CA PRO A 311 -21.28 -26.50 -4.28
C PRO A 311 -21.89 -27.88 -4.37
N ASN A 312 -21.07 -28.84 -3.97
CA ASN A 312 -21.42 -30.28 -3.92
C ASN A 312 -21.72 -30.74 -2.50
N ALA A 313 -21.36 -29.87 -1.55
CA ALA A 313 -21.69 -30.05 -0.12
C ALA A 313 -21.40 -28.79 0.63
N ALA A 314 -22.07 -28.66 1.77
CA ALA A 314 -21.82 -27.56 2.71
C ALA A 314 -21.36 -28.18 4.04
N VAL A 315 -20.34 -27.57 4.63
CA VAL A 315 -19.88 -27.89 6.00
C VAL A 315 -20.30 -26.78 6.94
N LEU A 316 -21.05 -27.15 7.97
CA LEU A 316 -21.59 -26.22 9.00
C LEU A 316 -20.75 -26.33 10.25
N VAL A 317 -19.89 -25.35 10.47
CA VAL A 317 -19.06 -25.34 11.68
C VAL A 317 -19.88 -24.93 12.90
N ALA A 318 -19.73 -25.73 13.93
CA ALA A 318 -20.40 -25.49 15.23
C ALA A 318 -19.47 -25.83 16.37
N THR A 319 -19.79 -25.25 17.51
CA THR A 319 -19.15 -25.55 18.78
C THR A 319 -20.20 -25.70 19.88
N VAL A 320 -19.85 -26.51 20.86
CA VAL A 320 -20.67 -26.66 22.09
C VAL A 320 -20.90 -25.30 22.75
N ARG A 321 -19.84 -24.50 22.82
CA ARG A 321 -19.94 -23.18 23.47
C ARG A 321 -20.92 -22.27 22.73
N ALA A 322 -20.87 -22.31 21.40
CA ALA A 322 -21.66 -21.37 20.60
C ALA A 322 -23.10 -21.71 20.81
N LEU A 323 -23.37 -23.01 20.91
CA LEU A 323 -24.74 -23.49 21.05
C LEU A 323 -25.24 -23.09 22.47
N LYS A 324 -24.39 -23.23 23.47
CA LYS A 324 -24.82 -22.86 24.84
C LYS A 324 -25.14 -21.37 24.86
N TYR A 325 -24.32 -20.59 24.15
CA TYR A 325 -24.52 -19.14 24.07
C TYR A 325 -25.89 -18.87 23.47
N HIS A 326 -26.19 -19.60 22.41
CA HIS A 326 -27.48 -19.39 21.71
C HIS A 326 -28.68 -19.88 22.51
N GLY A 327 -28.35 -20.58 23.58
CA GLY A 327 -29.34 -21.17 24.49
C GLY A 327 -29.53 -20.27 25.71
N GLY A 328 -28.76 -19.19 25.72
CA GLY A 328 -28.83 -18.18 26.75
C GLY A 328 -27.72 -18.17 27.80
N ALA A 329 -26.75 -19.08 27.68
CA ALA A 329 -25.63 -19.08 28.63
C ALA A 329 -24.82 -17.79 28.56
N ASN A 330 -24.29 -17.36 29.70
CA ASN A 330 -23.33 -16.24 29.77
C ASN A 330 -21.99 -16.63 29.19
N LEU A 331 -21.40 -15.67 28.51
CA LEU A 331 -20.09 -15.86 27.94
C LEU A 331 -19.11 -16.18 29.07
N LYS A 332 -19.37 -15.63 30.25
CA LYS A 332 -18.40 -15.74 31.37
C LYS A 332 -18.37 -17.13 31.97
N ASN A 333 -19.44 -17.89 31.71
CA ASN A 333 -19.63 -19.23 32.27
C ASN A 333 -19.67 -20.30 31.20
N ILE A 334 -19.20 -19.93 30.02
CA ILE A 334 -19.47 -20.71 28.79
C ILE A 334 -18.70 -22.03 28.78
N HIS A 335 -17.64 -22.03 29.57
CA HIS A 335 -16.73 -23.19 29.71
C HIS A 335 -17.33 -24.22 30.65
N GLU A 336 -18.41 -23.86 31.32
CA GLU A 336 -19.10 -24.78 32.24
C GLU A 336 -20.21 -25.52 31.56
N GLU A 337 -20.36 -26.78 31.92
CA GLU A 337 -21.39 -27.63 31.33
C GLU A 337 -22.76 -27.03 31.58
N ASN A 338 -23.61 -27.09 30.57
CA ASN A 338 -24.97 -26.60 30.71
C ASN A 338 -25.84 -27.17 29.62
N LEU A 339 -26.41 -28.31 29.94
CA LEU A 339 -27.08 -29.15 28.95
C LEU A 339 -28.41 -28.53 28.54
N GLU A 340 -28.93 -27.66 29.37
CA GLU A 340 -30.22 -27.05 29.07
C GLU A 340 -30.05 -25.92 28.06
N ALA A 341 -28.96 -25.19 28.20
CA ALA A 341 -28.65 -24.06 27.31
C ALA A 341 -28.27 -24.70 25.98
N LEU A 342 -27.68 -25.87 26.09
CA LEU A 342 -27.17 -26.60 24.91
C LEU A 342 -28.32 -27.05 24.04
N LYS A 343 -29.35 -27.57 24.71
CA LYS A 343 -30.54 -28.09 24.03
C LYS A 343 -31.25 -26.94 23.33
N GLU A 344 -31.34 -25.82 24.02
CA GLU A 344 -32.08 -24.67 23.51
C GLU A 344 -31.31 -24.07 22.33
N GLY A 345 -29.98 -23.99 22.48
CA GLY A 345 -29.10 -23.36 21.49
C GLY A 345 -29.01 -24.16 20.21
N PHE A 346 -29.35 -25.44 20.32
CA PHE A 346 -29.22 -26.36 19.18
C PHE A 346 -30.19 -25.92 18.08
N LYS A 347 -31.21 -25.18 18.48
CA LYS A 347 -32.22 -24.65 17.55
C LYS A 347 -31.55 -23.76 16.47
N ASN A 348 -30.50 -23.07 16.87
CA ASN A 348 -29.74 -22.21 15.92
C ASN A 348 -29.07 -23.09 14.83
N LEU A 349 -28.45 -24.17 15.28
CA LEU A 349 -27.86 -25.16 14.35
C LEU A 349 -28.90 -25.77 13.41
N ARG A 350 -30.05 -26.07 14.00
CA ARG A 350 -31.17 -26.62 13.22
C ARG A 350 -31.64 -25.68 12.10
N VAL A 351 -31.83 -24.40 12.40
CA VAL A 351 -32.25 -23.44 11.36
C VAL A 351 -31.27 -23.39 10.21
N HIS A 352 -29.99 -23.37 10.54
CA HIS A 352 -28.94 -23.31 9.49
C HIS A 352 -28.86 -24.56 8.65
N VAL A 353 -28.98 -25.73 9.28
CA VAL A 353 -29.06 -26.97 8.50
C VAL A 353 -30.25 -26.97 7.53
N GLU A 354 -31.42 -26.60 8.05
CA GLU A 354 -32.65 -26.52 7.25
C GLU A 354 -32.48 -25.55 6.10
N ASN A 355 -31.89 -24.40 6.41
CA ASN A 355 -31.73 -23.35 5.36
C ASN A 355 -30.81 -23.83 4.26
N LEU A 356 -29.75 -24.50 4.69
CA LEU A 356 -28.75 -25.05 3.75
C LEU A 356 -29.37 -26.07 2.79
N ARG A 357 -30.31 -26.85 3.33
CA ARG A 357 -30.99 -27.85 2.55
C ARG A 357 -31.96 -27.24 1.57
N LYS A 358 -32.40 -26.02 1.86
CA LYS A 358 -33.23 -25.27 0.92
C LYS A 358 -32.50 -25.05 -0.43
N PHE A 359 -31.17 -25.06 -0.37
CA PHE A 359 -30.31 -24.91 -1.54
C PHE A 359 -29.91 -26.26 -2.12
N ASN A 360 -30.49 -27.31 -1.53
CA ASN A 360 -30.31 -28.68 -2.03
C ASN A 360 -28.93 -29.22 -1.77
N LEU A 361 -28.28 -28.66 -0.79
CA LEU A 361 -26.92 -29.06 -0.46
C LEU A 361 -26.89 -30.17 0.58
N PRO A 362 -26.12 -31.23 0.35
CA PRO A 362 -25.78 -32.11 1.48
C PRO A 362 -25.00 -31.35 2.55
N VAL A 363 -25.34 -31.60 3.81
CA VAL A 363 -24.71 -30.91 4.93
C VAL A 363 -23.90 -31.86 5.82
N VAL A 364 -22.72 -31.39 6.19
CA VAL A 364 -21.94 -32.04 7.25
C VAL A 364 -21.63 -31.04 8.32
N VAL A 365 -22.00 -31.41 9.54
CA VAL A 365 -21.73 -30.57 10.71
C VAL A 365 -20.29 -30.87 11.16
N ALA A 366 -19.48 -29.80 11.24
CA ALA A 366 -18.14 -29.91 11.80
C ALA A 366 -18.16 -29.38 13.25
N LEU A 367 -18.12 -30.31 14.21
CA LEU A 367 -18.19 -29.93 15.62
C LEU A 367 -16.77 -29.75 16.10
N ASN A 368 -16.38 -28.47 16.20
N ASN A 368 -16.40 -28.48 16.25
CA ASN A 368 -15.08 -28.10 16.69
CA ASN A 368 -15.05 -28.08 16.61
C ASN A 368 -15.05 -28.25 18.18
C ASN A 368 -14.88 -28.13 18.13
N ARG A 369 -14.29 -29.22 18.59
CA ARG A 369 -14.13 -29.54 20.01
C ARG A 369 -13.19 -28.61 20.74
N PHE A 370 -13.63 -28.20 21.93
N PHE A 370 -13.59 -28.25 21.96
CA PHE A 370 -12.80 -27.43 22.86
CA PHE A 370 -12.83 -27.39 22.84
C PHE A 370 -12.48 -28.27 24.07
C PHE A 370 -12.54 -28.17 24.11
N SER A 371 -11.40 -27.86 24.69
CA SER A 371 -10.82 -28.62 25.83
C SER A 371 -11.81 -28.82 26.94
N THR A 372 -12.73 -27.87 27.06
CA THR A 372 -13.60 -27.80 28.22
C THR A 372 -14.92 -28.49 27.94
N ASP A 373 -15.11 -28.92 26.69
CA ASP A 373 -16.34 -29.63 26.32
C ASP A 373 -16.38 -30.98 27.05
N THR A 374 -17.50 -31.28 27.66
CA THR A 374 -17.67 -32.58 28.32
C THR A 374 -18.15 -33.60 27.33
N GLU A 375 -17.93 -34.86 27.66
CA GLU A 375 -18.31 -35.94 26.75
C GLU A 375 -19.82 -35.97 26.62
N LYS A 376 -20.50 -35.60 27.69
CA LYS A 376 -21.96 -35.55 27.67
C LYS A 376 -22.40 -34.49 26.64
N GLU A 377 -21.65 -33.42 26.60
CA GLU A 377 -21.99 -32.28 25.72
C GLU A 377 -21.82 -32.70 24.28
N ILE A 378 -20.69 -33.32 23.98
CA ILE A 378 -20.34 -33.71 22.61
C ILE A 378 -21.33 -34.76 22.15
N ALA A 379 -21.67 -35.66 23.07
CA ALA A 379 -22.50 -36.82 22.72
C ALA A 379 -23.91 -36.34 22.36
N TYR A 380 -24.32 -35.31 23.08
CA TYR A 380 -25.65 -34.77 22.90
C TYR A 380 -25.78 -34.12 21.53
N VAL A 381 -24.80 -33.29 21.21
CA VAL A 381 -24.82 -32.56 19.92
C VAL A 381 -24.80 -33.58 18.78
N VAL A 382 -24.02 -34.64 18.94
CA VAL A 382 -23.89 -35.65 17.88
C VAL A 382 -25.24 -36.36 17.68
N LYS A 383 -25.87 -36.66 18.81
CA LYS A 383 -27.12 -37.40 18.74
C LYS A 383 -28.21 -36.54 18.11
N GLU A 384 -28.25 -35.29 18.54
CA GLU A 384 -29.22 -34.34 17.97
C GLU A 384 -29.06 -34.12 16.46
N CYS A 385 -27.80 -34.17 15.98
CA CYS A 385 -27.51 -34.06 14.55
C CYS A 385 -28.00 -35.30 13.83
N GLU A 386 -27.75 -36.46 14.43
CA GLU A 386 -28.19 -37.72 13.82
C GLU A 386 -29.73 -37.73 13.58
N LYS A 387 -30.42 -37.15 14.54
CA LYS A 387 -31.88 -37.06 14.51
C LYS A 387 -32.39 -36.09 13.48
N LEU A 388 -31.48 -35.22 13.00
CA LEU A 388 -31.78 -34.18 12.02
C LEU A 388 -31.55 -34.76 10.68
N GLY A 389 -30.87 -35.89 10.70
CA GLY A 389 -30.52 -36.56 9.48
C GLY A 389 -29.32 -35.92 8.82
N VAL A 390 -28.53 -35.22 9.61
CA VAL A 390 -27.29 -34.59 9.10
C VAL A 390 -26.02 -35.32 9.56
N ARG A 391 -25.12 -35.60 8.59
N ARG A 391 -25.13 -35.60 8.60
CA ARG A 391 -23.77 -36.08 8.90
CA ARG A 391 -23.78 -36.09 8.90
C ARG A 391 -23.13 -35.15 9.93
C ARG A 391 -23.11 -35.15 9.91
N VAL A 392 -22.42 -35.74 10.88
CA VAL A 392 -21.67 -34.97 11.86
C VAL A 392 -20.32 -35.63 12.14
N ALA A 393 -19.28 -34.82 12.23
CA ALA A 393 -17.96 -35.24 12.66
C ALA A 393 -17.40 -34.29 13.68
N VAL A 394 -16.74 -34.82 14.69
CA VAL A 394 -15.99 -34.00 15.62
C VAL A 394 -14.63 -33.67 15.02
N SER A 395 -14.30 -32.39 15.09
CA SER A 395 -13.06 -31.87 14.55
C SER A 395 -12.11 -31.41 15.65
N GLU A 396 -10.86 -31.88 15.53
CA GLU A 396 -9.77 -31.43 16.43
C GLU A 396 -8.54 -30.97 15.64
N VAL A 397 -8.79 -30.23 14.56
CA VAL A 397 -7.73 -29.82 13.66
C VAL A 397 -6.78 -28.79 14.28
N PHE A 398 -7.28 -27.96 15.19
CA PHE A 398 -6.44 -27.00 15.89
C PHE A 398 -5.31 -27.71 16.65
N LYS A 399 -5.72 -28.77 17.34
CA LYS A 399 -4.79 -29.52 18.20
C LYS A 399 -3.98 -30.54 17.42
N LYS A 400 -4.62 -31.16 16.42
CA LYS A 400 -4.06 -32.35 15.83
C LYS A 400 -3.76 -32.28 14.35
N GLY A 401 -4.05 -31.15 13.71
CA GLY A 401 -3.94 -31.10 12.26
C GLY A 401 -4.86 -32.10 11.60
N SER A 402 -4.44 -32.63 10.45
CA SER A 402 -5.30 -33.55 9.71
C SER A 402 -5.64 -34.82 10.50
N GLU A 403 -4.88 -35.10 11.56
CA GLU A 403 -5.12 -36.30 12.39
C GLU A 403 -6.38 -36.07 13.23
N GLY A 404 -6.81 -34.79 13.27
CA GLY A 404 -8.02 -34.36 13.99
C GLY A 404 -9.23 -34.15 13.09
N GLY A 405 -9.05 -34.49 11.82
CA GLY A 405 -10.02 -34.11 10.78
C GLY A 405 -10.38 -35.23 9.82
N VAL A 406 -9.93 -36.43 10.14
CA VAL A 406 -10.11 -37.60 9.28
C VAL A 406 -11.62 -37.91 9.11
N GLU A 407 -12.34 -37.99 10.21
CA GLU A 407 -13.75 -38.34 10.10
C GLU A 407 -14.53 -37.29 9.29
N LEU A 408 -14.16 -36.05 9.50
CA LEU A 408 -14.80 -34.94 8.78
C LEU A 408 -14.54 -35.02 7.28
N ALA A 409 -13.28 -35.30 6.91
CA ALA A 409 -12.91 -35.45 5.50
C ALA A 409 -13.68 -36.57 4.83
N LYS A 410 -13.83 -37.68 5.54
CA LYS A 410 -14.53 -38.84 4.96
C LYS A 410 -16.02 -38.56 4.81
N ALA A 411 -16.60 -37.92 5.81
CA ALA A 411 -18.02 -37.52 5.75
C ALA A 411 -18.24 -36.60 4.56
N VAL A 412 -17.34 -35.64 4.38
CA VAL A 412 -17.46 -34.69 3.27
C VAL A 412 -17.35 -35.39 1.90
N ALA A 413 -16.35 -36.27 1.79
CA ALA A 413 -16.14 -37.08 0.56
C ALA A 413 -17.35 -37.98 0.27
N GLU A 414 -17.99 -38.45 1.33
CA GLU A 414 -19.13 -39.32 1.21
C GLU A 414 -20.39 -38.54 0.86
N ALA A 415 -20.50 -37.32 1.39
CA ALA A 415 -21.73 -36.50 1.25
C ALA A 415 -21.80 -35.76 -0.10
N ALA A 416 -20.63 -35.47 -0.66
CA ALA A 416 -20.55 -34.56 -1.83
C ALA A 416 -21.25 -35.19 -3.01
N LYS A 417 -22.07 -34.40 -3.68
CA LYS A 417 -22.61 -34.84 -4.97
C LYS A 417 -22.99 -33.72 -5.90
N ASP A 418 -23.39 -34.14 -7.09
CA ASP A 418 -23.95 -33.21 -8.08
C ASP A 418 -25.41 -32.96 -7.78
N VAL A 419 -25.73 -31.75 -7.39
CA VAL A 419 -27.11 -31.47 -7.02
C VAL A 419 -27.78 -30.55 -8.00
N GLU A 420 -29.09 -30.70 -8.08
CA GLU A 420 -29.89 -29.80 -8.89
C GLU A 420 -29.85 -28.42 -8.22
N PRO A 421 -29.37 -27.39 -8.93
CA PRO A 421 -29.39 -26.05 -8.31
C PRO A 421 -30.75 -25.59 -7.86
N ALA A 422 -30.76 -24.97 -6.70
CA ALA A 422 -31.98 -24.49 -6.09
C ALA A 422 -31.77 -23.10 -5.49
N TYR A 423 -31.80 -22.11 -6.37
CA TYR A 423 -31.64 -20.71 -5.93
C TYR A 423 -32.92 -20.23 -5.27
N LEU A 424 -32.81 -19.38 -4.27
CA LEU A 424 -33.99 -18.82 -3.58
C LEU A 424 -34.79 -17.82 -4.43
N TYR A 425 -34.11 -17.21 -5.37
CA TYR A 425 -34.71 -16.16 -6.19
C TYR A 425 -34.17 -16.20 -7.59
N GLU A 426 -34.98 -15.69 -8.50
CA GLU A 426 -34.58 -15.55 -9.90
C GLU A 426 -33.80 -14.26 -10.05
N ASN A 428 -33.33 -11.95 -11.48
CA ASN A 428 -34.01 -10.72 -11.87
C ASN A 428 -35.40 -10.51 -11.30
N ASP A 429 -35.76 -11.22 -10.23
CA ASP A 429 -36.94 -10.88 -9.39
C ASP A 429 -36.77 -9.42 -8.89
N PRO A 430 -37.87 -8.67 -8.67
CA PRO A 430 -37.70 -7.32 -8.09
C PRO A 430 -36.98 -7.35 -6.73
N VAL A 431 -36.22 -6.28 -6.47
CA VAL A 431 -35.45 -6.17 -5.24
C VAL A 431 -36.30 -6.46 -4.01
N GLU A 432 -37.52 -5.92 -3.98
CA GLU A 432 -38.39 -6.09 -2.79
C GLU A 432 -38.76 -7.54 -2.61
N LYS A 433 -38.93 -8.22 -3.73
CA LYS A 433 -39.35 -9.61 -3.74
C LYS A 433 -38.19 -10.49 -3.24
N LYS A 434 -36.99 -10.15 -3.68
CA LYS A 434 -35.78 -10.93 -3.28
C LYS A 434 -35.61 -10.82 -1.77
N ILE A 435 -35.86 -9.62 -1.28
CA ILE A 435 -35.72 -9.31 0.15
C ILE A 435 -36.76 -10.10 0.95
N GLU A 436 -37.98 -10.12 0.42
CA GLU A 436 -39.06 -10.84 1.09
C GLU A 436 -38.77 -12.31 1.19
N ILE A 437 -38.21 -12.86 0.12
CA ILE A 437 -37.88 -14.27 0.06
C ILE A 437 -36.77 -14.61 1.08
N LEU A 438 -35.74 -13.78 1.08
CA LEU A 438 -34.62 -13.99 1.98
C LEU A 438 -35.08 -13.87 3.43
N ALA A 439 -35.91 -12.89 3.71
CA ALA A 439 -36.37 -12.64 5.07
C ALA A 439 -37.23 -13.84 5.55
N LYS A 440 -38.07 -14.32 4.64
CA LYS A 440 -38.99 -15.45 4.97
C LYS A 440 -38.21 -16.76 5.18
N GLU A 441 -37.44 -17.08 4.14
CA GLU A 441 -36.81 -18.39 4.02
C GLU A 441 -35.57 -18.53 4.91
N ILE A 442 -34.78 -17.48 5.00
CA ILE A 442 -33.48 -17.59 5.65
C ILE A 442 -33.50 -16.97 7.04
N TYR A 443 -34.03 -15.76 7.16
CA TYR A 443 -34.01 -15.05 8.43
C TYR A 443 -35.20 -15.45 9.32
N ARG A 444 -36.13 -16.16 8.72
CA ARG A 444 -37.33 -16.74 9.37
C ARG A 444 -38.27 -15.68 9.97
N ALA A 445 -38.25 -14.50 9.35
CA ALA A 445 -39.13 -13.38 9.70
C ALA A 445 -40.56 -13.70 9.26
N GLY A 446 -41.52 -13.07 9.94
CA GLY A 446 -42.94 -13.20 9.57
C GLY A 446 -43.34 -12.21 8.48
N ARG A 447 -42.64 -11.09 8.47
CA ARG A 447 -42.85 -10.05 7.47
C ARG A 447 -41.67 -9.12 7.40
N VAL A 448 -41.59 -8.37 6.31
CA VAL A 448 -40.62 -7.28 6.18
C VAL A 448 -41.27 -5.90 6.22
N GLU A 449 -40.63 -4.98 6.92
CA GLU A 449 -40.96 -3.59 6.87
C GLU A 449 -39.78 -2.77 6.39
N PHE A 450 -40.10 -1.82 5.54
CA PHE A 450 -39.14 -0.84 5.02
C PHE A 450 -39.39 0.47 5.67
N SER A 451 -38.34 1.03 6.21
CA SER A 451 -38.34 2.41 6.72
C SER A 451 -38.63 3.43 5.62
N ASP A 452 -38.91 4.66 5.99
CA ASP A 452 -39.20 5.68 4.98
C ASP A 452 -37.96 5.93 4.14
N THR A 453 -36.82 5.84 4.79
CA THR A 453 -35.52 6.04 4.12
C THR A 453 -35.34 4.96 3.06
N ALA A 454 -35.67 3.74 3.42
CA ALA A 454 -35.54 2.56 2.55
C ALA A 454 -36.52 2.71 1.41
N LYS A 455 -37.70 3.24 1.71
CA LYS A 455 -38.73 3.41 0.66
C LYS A 455 -38.28 4.39 -0.41
N ASN A 456 -37.66 5.47 0.06
N ASN A 456 -37.67 5.47 0.04
CA ASN A 456 -37.10 6.48 -0.80
CA ASN A 456 -37.12 6.46 -0.85
C ASN A 456 -35.96 5.89 -1.65
C ASN A 456 -35.99 5.85 -1.67
N ALA A 457 -35.22 4.98 -1.03
CA ALA A 457 -34.09 4.31 -1.72
C ALA A 457 -34.61 3.39 -2.83
N LEU A 458 -35.70 2.69 -2.54
CA LEU A 458 -36.33 1.79 -3.50
C LEU A 458 -36.81 2.57 -4.72
N LYS A 459 -37.29 3.79 -4.49
CA LYS A 459 -37.77 4.66 -5.58
C LYS A 459 -36.62 5.02 -6.49
N PHE A 460 -35.51 5.35 -5.86
CA PHE A 460 -34.29 5.67 -6.57
C PHE A 460 -33.78 4.50 -7.40
N ILE A 461 -33.76 3.33 -6.77
CA ILE A 461 -33.36 2.05 -7.42
C ILE A 461 -34.22 1.75 -8.69
N LYS A 462 -35.53 1.94 -8.57
CA LYS A 462 -36.45 1.66 -9.68
C LYS A 462 -36.30 2.71 -10.80
N LYS A 463 -36.15 3.96 -10.37
CA LYS A 463 -35.97 5.08 -11.30
C LYS A 463 -34.74 4.89 -12.17
N HIS A 464 -33.67 4.36 -11.59
CA HIS A 464 -32.41 4.26 -12.32
C HIS A 464 -32.11 2.91 -12.88
N GLY A 465 -33.11 2.05 -12.86
CA GLY A 465 -33.03 0.74 -13.54
C GLY A 465 -32.35 -0.39 -12.81
N PHE A 466 -32.28 -0.31 -11.50
CA PHE A 466 -31.45 -1.30 -10.73
C PHE A 466 -32.34 -2.26 -9.95
N ASP A 467 -33.63 -2.24 -10.28
N ASP A 467 -33.62 -2.22 -10.29
CA ASP A 467 -34.66 -2.97 -9.53
CA ASP A 467 -34.64 -2.95 -9.53
C ASP A 467 -34.58 -4.47 -9.71
C ASP A 467 -34.62 -4.45 -9.74
N GLU A 468 -33.75 -4.92 -10.63
CA GLU A 468 -33.64 -6.36 -10.90
C GLU A 468 -32.29 -6.96 -10.52
N LEU A 469 -31.44 -6.15 -9.91
CA LEU A 469 -30.15 -6.64 -9.48
C LEU A 469 -30.34 -7.65 -8.35
N PRO A 470 -29.42 -8.62 -8.23
CA PRO A 470 -29.30 -9.41 -6.99
C PRO A 470 -29.16 -8.52 -5.76
N VAL A 471 -29.53 -9.08 -4.62
CA VAL A 471 -29.55 -8.34 -3.38
C VAL A 471 -28.63 -8.99 -2.38
N ILE A 472 -27.81 -8.11 -1.82
CA ILE A 472 -26.82 -8.46 -0.79
C ILE A 472 -27.31 -7.81 0.49
N VAL A 473 -27.72 -8.63 1.45
CA VAL A 473 -28.25 -8.14 2.71
C VAL A 473 -27.13 -7.88 3.72
N ALA A 474 -27.08 -6.63 4.17
CA ALA A 474 -26.14 -6.15 5.15
C ALA A 474 -26.89 -5.92 6.46
N LYS A 475 -26.80 -6.94 7.30
CA LYS A 475 -27.39 -6.96 8.63
C LYS A 475 -26.41 -7.54 9.60
N THR A 476 -26.79 -7.46 10.87
CA THR A 476 -25.98 -8.04 11.92
C THR A 476 -25.68 -9.53 11.67
N PRO A 477 -24.43 -9.99 11.97
CA PRO A 477 -24.21 -11.43 11.87
C PRO A 477 -24.51 -12.19 13.15
N LYS A 478 -24.89 -11.45 14.19
CA LYS A 478 -25.00 -11.98 15.57
C LYS A 478 -26.33 -12.65 15.87
N SER A 479 -27.19 -12.59 14.87
CA SER A 479 -28.54 -13.14 14.94
C SER A 479 -28.94 -13.58 13.56
N ILE A 480 -29.86 -14.55 13.46
CA ILE A 480 -30.42 -14.88 12.16
C ILE A 480 -31.32 -13.71 11.72
N SER A 481 -31.76 -12.94 12.71
CA SER A 481 -32.63 -11.77 12.50
C SER A 481 -31.79 -10.51 12.21
N HIS A 482 -32.47 -9.37 12.19
CA HIS A 482 -31.84 -8.08 11.96
C HIS A 482 -31.46 -7.47 13.30
N ASP A 483 -31.88 -8.13 14.36
CA ASP A 483 -31.70 -7.55 15.71
C ASP A 483 -30.58 -8.29 16.42
N PRO A 484 -29.46 -7.58 16.70
CA PRO A 484 -28.29 -8.31 17.19
C PRO A 484 -28.49 -8.97 18.56
N SER A 485 -29.58 -8.59 19.23
CA SER A 485 -29.82 -9.07 20.59
C SER A 485 -30.55 -10.40 20.59
N LEU A 486 -31.05 -10.80 19.44
CA LEU A 486 -31.91 -11.98 19.39
C LEU A 486 -31.11 -13.27 19.10
N ARG A 487 -30.73 -13.94 20.20
CA ARG A 487 -29.97 -15.17 20.08
C ARG A 487 -30.88 -16.28 19.66
N GLY A 488 -30.28 -17.41 19.30
CA GLY A 488 -31.05 -18.60 19.00
C GLY A 488 -31.68 -18.61 17.63
N ALA A 489 -32.98 -18.91 17.66
CA ALA A 489 -33.75 -19.09 16.45
C ALA A 489 -35.05 -18.26 16.49
N PRO A 490 -34.92 -16.92 16.52
CA PRO A 490 -36.12 -16.07 16.39
C PRO A 490 -36.91 -16.34 15.11
N GLU A 491 -38.24 -16.36 15.24
CA GLU A 491 -39.09 -16.53 14.06
C GLU A 491 -40.37 -15.71 14.17
N GLY A 492 -40.90 -15.38 12.99
CA GLY A 492 -42.20 -14.71 12.85
C GLY A 492 -42.19 -13.23 13.19
N TYR A 493 -41.01 -12.73 13.48
CA TYR A 493 -40.82 -11.30 13.80
C TYR A 493 -40.85 -10.49 12.49
N THR A 494 -40.89 -9.19 12.70
CA THR A 494 -40.83 -8.19 11.63
C THR A 494 -39.39 -7.76 11.39
N PHE A 495 -38.95 -8.12 10.20
CA PHE A 495 -37.58 -7.81 9.72
C PHE A 495 -37.57 -6.39 9.14
N VAL A 496 -36.70 -5.53 9.65
CA VAL A 496 -36.71 -4.14 9.24
C VAL A 496 -35.55 -3.81 8.31
N VAL A 497 -35.89 -3.27 7.15
CA VAL A 497 -34.90 -2.69 6.23
C VAL A 497 -34.87 -1.19 6.39
N SER A 498 -33.71 -0.66 6.76
CA SER A 498 -33.54 0.76 7.14
C SER A 498 -33.10 1.65 5.99
N ASP A 499 -32.49 1.03 4.99
CA ASP A 499 -31.91 1.74 3.87
C ASP A 499 -31.41 0.74 2.81
N LEU A 500 -31.14 1.27 1.63
CA LEU A 500 -30.55 0.52 0.52
C LEU A 500 -29.63 1.40 -0.32
N PHE A 501 -28.64 0.77 -0.93
CA PHE A 501 -27.81 1.40 -1.96
C PHE A 501 -27.40 0.45 -3.06
N VAL A 502 -26.88 1.06 -4.11
CA VAL A 502 -26.52 0.32 -5.32
C VAL A 502 -25.00 0.26 -5.45
N SER A 503 -24.50 -0.97 -5.53
CA SER A 503 -23.11 -1.24 -5.93
C SER A 503 -23.13 -1.70 -7.38
N ALA A 504 -23.08 -0.72 -8.28
CA ALA A 504 -23.42 -0.92 -9.71
C ALA A 504 -22.31 -1.65 -10.46
N GLY A 505 -21.09 -1.45 -9.98
CA GLY A 505 -19.94 -2.13 -10.56
C GLY A 505 -19.84 -3.58 -10.13
N ALA A 506 -20.03 -3.81 -8.84
CA ALA A 506 -20.10 -5.17 -8.29
C ALA A 506 -21.33 -5.88 -8.85
N GLY A 507 -22.38 -5.12 -9.13
CA GLY A 507 -23.60 -5.65 -9.73
C GLY A 507 -24.66 -6.12 -8.77
N PHE A 508 -24.78 -5.44 -7.62
CA PHE A 508 -25.85 -5.73 -6.67
C PHE A 508 -26.37 -4.55 -5.88
N VAL A 509 -27.58 -4.71 -5.39
CA VAL A 509 -28.18 -3.81 -4.38
C VAL A 509 -27.87 -4.35 -2.98
N VAL A 510 -27.48 -3.44 -2.11
CA VAL A 510 -27.29 -3.73 -0.69
C VAL A 510 -28.53 -3.25 0.07
N ALA A 511 -29.15 -4.20 0.76
CA ALA A 511 -30.22 -3.91 1.69
C ALA A 511 -29.67 -3.91 3.11
N LEU A 512 -29.75 -2.74 3.75
CA LEU A 512 -29.20 -2.49 5.11
C LEU A 512 -30.25 -2.59 6.19
N SER A 513 -29.85 -3.19 7.30
N SER A 513 -29.82 -3.18 7.30
CA SER A 513 -30.63 -3.16 8.53
CA SER A 513 -30.59 -3.21 8.53
C SER A 513 -29.76 -2.71 9.68
C SER A 513 -29.73 -2.71 9.67
N GLY A 514 -29.95 -1.46 10.06
CA GLY A 514 -29.17 -0.84 11.10
C GLY A 514 -27.89 -0.30 10.51
N ASP A 515 -27.09 0.22 11.42
CA ASP A 515 -25.78 0.81 11.09
C ASP A 515 -24.75 -0.30 10.92
N ILE A 516 -23.93 -0.13 9.88
CA ILE A 516 -22.88 -1.11 9.54
C ILE A 516 -21.54 -0.44 9.74
N ASN A 517 -20.69 -1.10 10.51
CA ASN A 517 -19.36 -0.58 10.85
C ASN A 517 -18.36 -0.86 9.74
N LEU A 518 -18.04 0.16 8.94
CA LEU A 518 -17.10 -0.03 7.81
C LEU A 518 -15.71 0.51 8.13
N PRO A 520 -13.55 -0.12 11.64
CA PRO A 520 -13.39 -0.52 13.06
C PRO A 520 -12.26 0.26 13.73
N GLY A 521 -12.38 0.42 15.04
CA GLY A 521 -11.41 1.18 15.83
C GLY A 521 -10.36 0.30 16.47
N LEU A 522 -9.44 0.93 17.18
CA LEU A 522 -8.41 0.25 17.97
C LEU A 522 -8.82 0.16 19.44
N PRO A 523 -8.51 -0.97 20.09
CA PRO A 523 -8.74 -1.08 21.54
C PRO A 523 -7.75 -0.26 22.35
N LYS A 524 -8.04 -0.09 23.63
CA LYS A 524 -7.22 0.70 24.53
C LYS A 524 -5.76 0.19 24.53
N LYS A 525 -5.60 -1.12 24.46
CA LYS A 525 -4.27 -1.76 24.39
C LYS A 525 -4.15 -2.55 23.13
N PRO A 526 -3.74 -1.89 22.06
CA PRO A 526 -3.73 -2.62 20.79
C PRO A 526 -2.62 -3.65 20.71
N ASN A 527 -2.91 -4.66 19.90
CA ASN A 527 -1.94 -5.70 19.54
C ASN A 527 -0.63 -5.19 18.98
N ALA A 528 -0.65 -4.02 18.35
CA ALA A 528 0.58 -3.41 17.87
C ALA A 528 1.61 -3.29 19.02
N LEU A 529 1.12 -3.20 20.25
CA LEU A 529 2.02 -3.01 21.41
C LEU A 529 2.94 -4.25 21.58
N ASN A 530 2.43 -5.39 21.13
CA ASN A 530 3.10 -6.68 21.26
C ASN A 530 4.07 -6.93 20.14
N ASP A 532 6.93 -6.77 17.35
CA ASP A 532 8.34 -6.38 17.30
C ASP A 532 9.12 -7.28 16.39
N VAL A 533 10.35 -6.83 16.17
CA VAL A 533 11.37 -7.61 15.47
C VAL A 533 12.46 -7.89 16.48
N ASP A 534 12.59 -9.17 16.84
CA ASP A 534 13.52 -9.61 17.92
C ASP A 534 14.99 -9.50 17.52
N ASP A 535 15.86 -9.86 18.46
CA ASP A 535 17.33 -9.59 18.29
C ASP A 535 17.84 -10.35 17.09
N SER A 536 17.09 -11.40 16.77
CA SER A 536 17.49 -12.37 15.75
C SER A 536 16.85 -11.97 14.44
N GLY A 537 16.11 -10.85 14.50
CA GLY A 537 15.54 -10.22 13.30
C GLY A 537 14.28 -10.91 12.84
N ASN A 538 13.68 -11.64 13.77
CA ASN A 538 12.38 -12.30 13.57
C ASN A 538 11.22 -11.46 14.07
N ILE A 539 10.13 -11.50 13.33
CA ILE A 539 8.87 -10.87 13.73
C ILE A 539 8.19 -11.65 14.85
N VAL A 540 7.79 -10.91 15.87
CA VAL A 540 6.99 -11.46 16.95
C VAL A 540 5.76 -10.58 17.20
N GLY A 541 4.74 -11.22 17.76
CA GLY A 541 3.52 -10.56 18.23
C GLY A 541 2.36 -10.42 17.27
N VAL A 542 2.58 -10.79 16.01
CA VAL A 542 1.59 -10.56 14.95
C VAL A 542 0.49 -11.62 15.00
N SER A 543 0.94 -12.85 14.97
CA SER A 543 0.10 -14.05 14.76
C SER A 543 -0.01 -14.84 16.08
N GLY B 1 12.77 -7.30 -23.91
CA GLY B 1 14.03 -7.88 -24.44
C GLY B 1 15.06 -7.89 -23.33
N LYS B 3 16.54 -9.16 -19.20
CA LYS B 3 17.12 -10.29 -18.52
C LYS B 3 16.44 -10.66 -17.22
N PRO B 4 16.24 -11.96 -17.00
CA PRO B 4 15.83 -12.52 -15.74
C PRO B 4 16.73 -12.05 -14.64
N ILE B 5 16.11 -11.70 -13.54
CA ILE B 5 16.82 -11.11 -12.44
C ILE B 5 17.99 -11.98 -12.01
N LYS B 6 17.89 -13.27 -12.26
CA LYS B 6 18.93 -14.21 -11.82
C LYS B 6 20.24 -13.85 -12.54
N GLU B 7 20.08 -13.34 -13.75
N GLU B 7 20.07 -13.39 -13.77
CA GLU B 7 21.23 -13.08 -14.59
CA GLU B 7 21.22 -13.03 -14.60
C GLU B 7 21.92 -11.79 -14.16
C GLU B 7 21.94 -11.88 -13.95
N ILE B 8 21.13 -10.91 -13.57
CA ILE B 8 21.65 -9.64 -13.04
C ILE B 8 22.34 -9.94 -11.70
N ALA B 9 21.73 -10.84 -10.95
CA ALA B 9 22.18 -11.17 -9.62
C ALA B 9 23.48 -11.94 -9.73
N ASP B 10 23.57 -12.73 -10.79
CA ASP B 10 24.80 -13.52 -11.07
C ASP B 10 25.99 -12.60 -11.37
N GLN B 11 25.70 -11.53 -12.09
CA GLN B 11 26.73 -10.51 -12.40
C GLN B 11 27.41 -10.00 -11.14
N LEU B 12 26.65 -9.99 -10.05
CA LEU B 12 27.15 -9.46 -8.77
C LEU B 12 27.45 -10.57 -7.82
N GLU B 13 27.31 -11.78 -8.34
CA GLU B 13 27.65 -12.97 -7.59
C GLU B 13 26.82 -13.16 -6.33
N LEU B 14 25.57 -12.73 -6.41
CA LEU B 14 24.60 -12.90 -5.31
C LEU B 14 23.96 -14.27 -5.31
N LYS B 15 23.87 -14.84 -4.12
CA LYS B 15 23.26 -16.16 -3.90
C LYS B 15 21.79 -16.09 -3.48
N ASP B 16 21.05 -17.12 -3.87
CA ASP B 16 19.58 -17.20 -3.63
C ASP B 16 19.20 -16.98 -2.19
N ASP B 17 20.14 -17.26 -1.32
CA ASP B 17 19.85 -17.27 0.11
C ASP B 17 19.71 -15.86 0.69
N ILE B 18 20.05 -14.87 -0.12
N ILE B 18 20.08 -14.86 -0.10
CA ILE B 18 19.88 -13.45 0.28
CA ILE B 18 19.87 -13.46 0.30
C ILE B 18 19.10 -12.66 -0.76
C ILE B 18 19.05 -12.67 -0.72
N LEU B 19 18.51 -13.42 -1.67
CA LEU B 19 17.70 -12.85 -2.73
C LEU B 19 16.26 -13.27 -2.62
N TYR B 20 15.40 -12.26 -2.70
CA TYR B 20 13.96 -12.47 -2.60
C TYR B 20 13.34 -11.96 -3.89
N PRO B 21 12.94 -12.87 -4.77
CA PRO B 21 12.37 -12.36 -6.00
C PRO B 21 10.98 -11.78 -5.88
N TYR B 22 10.75 -10.80 -6.74
CA TYR B 22 9.44 -10.20 -6.95
C TYR B 22 9.15 -10.29 -8.44
N GLY B 23 8.45 -11.36 -8.79
CA GLY B 23 8.29 -11.75 -10.18
C GLY B 23 9.61 -12.26 -10.75
N HIS B 24 9.76 -12.10 -12.06
CA HIS B 24 10.89 -12.69 -12.77
C HIS B 24 12.04 -11.73 -12.96
N TYR B 25 11.76 -10.44 -12.70
CA TYR B 25 12.71 -9.34 -13.10
C TYR B 25 13.12 -8.34 -12.02
N ILE B 26 12.77 -8.67 -10.79
CA ILE B 26 13.09 -7.87 -9.61
C ILE B 26 13.45 -8.78 -8.44
N ALA B 27 14.39 -8.34 -7.61
CA ALA B 27 14.65 -8.97 -6.31
C ALA B 27 15.04 -7.98 -5.23
N LYS B 28 14.62 -8.27 -4.02
CA LYS B 28 15.20 -7.65 -2.82
C LYS B 28 16.47 -8.42 -2.45
N ILE B 29 17.45 -7.68 -1.95
CA ILE B 29 18.67 -8.26 -1.39
C ILE B 29 18.62 -8.04 0.08
N ASP B 30 18.81 -9.11 0.83
CA ASP B 30 18.81 -8.98 2.28
C ASP B 30 19.87 -7.98 2.71
N HIS B 31 19.43 -7.02 3.52
CA HIS B 31 20.27 -5.90 3.94
C HIS B 31 21.37 -6.34 4.85
N ARG B 32 21.13 -7.44 5.55
CA ARG B 32 22.12 -7.99 6.48
C ARG B 32 23.38 -8.47 5.73
N PHE B 33 23.24 -8.63 4.43
CA PHE B 33 24.36 -9.06 3.58
C PHE B 33 25.47 -7.99 3.62
N LEU B 34 25.03 -6.76 3.78
CA LEU B 34 25.96 -5.65 3.73
C LEU B 34 26.98 -5.77 4.87
N LYS B 35 26.52 -6.16 6.04
CA LYS B 35 27.41 -6.34 7.21
C LYS B 35 28.38 -7.48 6.97
N SER B 36 27.96 -8.42 6.13
CA SER B 36 28.80 -9.58 5.80
C SER B 36 30.01 -9.15 5.02
N LEU B 37 29.84 -8.07 4.28
CA LEU B 37 30.79 -7.63 3.26
C LEU B 37 31.73 -6.59 3.82
N GLU B 38 31.70 -6.50 5.13
CA GLU B 38 32.29 -5.36 5.84
C GLU B 38 33.81 -5.30 5.78
N ASN B 39 34.40 -6.42 5.42
CA ASN B 39 35.86 -6.53 5.41
C ASN B 39 36.32 -6.48 3.98
N HIS B 40 35.32 -6.32 3.12
CA HIS B 40 35.58 -6.12 1.71
C HIS B 40 35.79 -4.68 1.38
N GLU B 41 36.32 -4.50 0.18
CA GLU B 41 36.84 -3.21 -0.23
C GLU B 41 35.75 -2.38 -0.91
N ASP B 42 35.71 -1.12 -0.54
CA ASP B 42 34.86 -0.16 -1.25
C ASP B 42 35.45 0.21 -2.58
N GLY B 43 34.57 0.27 -3.55
CA GLY B 43 34.84 0.89 -4.83
C GLY B 43 34.76 2.39 -4.71
N LYS B 44 34.80 3.02 -5.88
CA LYS B 44 34.62 4.45 -6.06
C LYS B 44 33.12 4.81 -6.05
N LEU B 45 32.87 5.99 -5.51
CA LEU B 45 31.52 6.62 -5.46
C LEU B 45 31.50 7.88 -6.33
N ILE B 46 30.64 7.86 -7.34
CA ILE B 46 30.39 9.04 -8.18
C ILE B 46 29.03 9.70 -7.85
N LEU B 47 29.08 10.96 -7.41
CA LEU B 47 27.87 11.73 -7.04
C LEU B 47 27.34 12.48 -8.25
N VAL B 48 26.11 12.17 -8.65
CA VAL B 48 25.48 12.89 -9.78
C VAL B 48 24.50 13.96 -9.29
N THR B 49 24.73 15.14 -9.80
CA THR B 49 23.94 16.32 -9.43
C THR B 49 23.72 17.14 -10.69
N ALA B 50 23.28 18.37 -10.53
CA ALA B 50 22.87 19.18 -11.66
C ALA B 50 22.85 20.68 -11.36
N VAL B 51 22.80 21.44 -12.43
CA VAL B 51 22.51 22.87 -12.32
C VAL B 51 21.10 23.12 -11.81
N THR B 52 20.87 24.37 -11.51
CA THR B 52 19.56 24.75 -10.98
C THR B 52 18.45 24.30 -11.93
N PRO B 53 17.56 23.42 -11.44
CA PRO B 53 16.51 22.86 -12.31
C PRO B 53 15.58 23.93 -12.90
N THR B 54 15.23 23.68 -14.16
CA THR B 54 14.35 24.54 -14.94
C THR B 54 13.19 23.70 -15.48
N PRO B 55 12.13 24.35 -15.97
CA PRO B 55 11.03 23.58 -16.53
C PRO B 55 11.36 22.88 -17.84
N ALA B 56 12.54 23.16 -18.38
CA ALA B 56 12.92 22.58 -19.67
C ALA B 56 13.38 21.13 -19.52
N GLY B 57 13.63 20.73 -18.27
CA GLY B 57 14.06 19.35 -17.92
C GLY B 57 15.47 18.96 -18.31
N GLU B 58 16.27 18.58 -17.31
CA GLU B 58 17.71 18.39 -17.55
C GLU B 58 18.14 16.92 -17.65
N GLY B 59 17.22 16.02 -17.34
CA GLY B 59 17.47 14.59 -17.51
C GLY B 59 18.63 14.04 -16.70
N LYS B 60 18.72 14.49 -15.45
CA LYS B 60 19.73 14.00 -14.53
C LYS B 60 19.64 12.49 -14.35
N THR B 61 18.43 11.95 -14.15
CA THR B 61 18.31 10.50 -13.83
C THR B 61 18.75 9.67 -15.04
N THR B 62 18.32 10.09 -16.22
CA THR B 62 18.69 9.42 -17.46
C THR B 62 20.22 9.36 -17.58
N THR B 63 20.87 10.45 -17.17
CA THR B 63 22.32 10.58 -17.28
C THR B 63 23.02 9.69 -16.27
N SER B 64 22.44 9.59 -15.08
CA SER B 64 23.04 8.77 -14.04
C SER B 64 23.08 7.35 -14.51
N ILE B 65 21.97 6.93 -15.08
CA ILE B 65 21.81 5.57 -15.63
C ILE B 65 22.78 5.37 -16.79
N GLY B 66 22.79 6.36 -17.69
CA GLY B 66 23.65 6.32 -18.88
C GLY B 66 25.09 6.15 -18.49
N LEU B 67 25.50 6.87 -17.45
CA LEU B 67 26.88 6.90 -17.00
C LEU B 67 27.30 5.54 -16.53
N SER B 68 26.43 4.91 -15.74
CA SER B 68 26.73 3.59 -15.20
C SER B 68 26.85 2.59 -16.33
N SER B 70 27.68 3.14 -19.36
CA SER B 70 28.84 3.51 -20.20
C SER B 70 30.14 3.06 -19.53
N LEU B 71 30.17 3.14 -18.20
CA LEU B 71 31.30 2.70 -17.43
C LEU B 71 31.45 1.19 -17.57
N ASN B 72 30.31 0.50 -17.48
CA ASN B 72 30.34 -0.97 -17.64
C ASN B 72 30.89 -1.30 -19.02
N ARG B 73 30.42 -0.51 -19.95
CA ARG B 73 30.76 -0.65 -21.33
C ARG B 73 32.28 -0.53 -21.57
N ILE B 74 32.93 0.36 -20.85
CA ILE B 74 34.36 0.64 -21.09
C ILE B 74 35.15 -0.24 -20.15
N GLY B 75 34.43 -1.16 -19.55
CA GLY B 75 35.03 -2.29 -18.83
C GLY B 75 35.22 -2.04 -17.36
N LYS B 76 34.49 -1.05 -16.86
CA LYS B 76 34.54 -0.73 -15.45
C LYS B 76 33.22 -1.06 -14.81
N LYS B 77 33.26 -2.09 -13.97
CA LYS B 77 32.06 -2.62 -13.30
C LYS B 77 31.39 -1.51 -12.48
N SER B 78 30.11 -1.32 -12.77
CA SER B 78 29.35 -0.18 -12.21
C SER B 78 27.89 -0.54 -11.86
N ILE B 79 27.43 0.04 -10.77
CA ILE B 79 26.02 -0.03 -10.37
C ILE B 79 25.49 1.38 -10.23
N VAL B 80 24.30 1.62 -10.74
CA VAL B 80 23.55 2.87 -10.52
C VAL B 80 22.57 2.66 -9.35
N THR B 81 22.61 3.58 -8.40
CA THR B 81 21.65 3.61 -7.28
C THR B 81 20.75 4.83 -7.47
N LEU B 82 19.43 4.56 -7.39
CA LEU B 82 18.37 5.57 -7.57
C LEU B 82 17.33 5.52 -6.47
N ARG B 83 16.68 6.65 -6.29
CA ARG B 83 15.48 6.69 -5.45
C ARG B 83 14.29 6.02 -6.13
N GLU B 84 13.43 5.42 -5.32
CA GLU B 84 12.15 4.96 -5.85
C GLU B 84 11.20 6.16 -6.02
N PRO B 85 10.65 6.34 -7.21
CA PRO B 85 9.64 7.35 -7.48
C PRO B 85 8.35 7.11 -6.69
N SER B 86 7.78 8.23 -6.24
CA SER B 86 6.45 8.24 -5.66
C SER B 86 5.49 7.94 -6.79
N LEU B 87 4.46 7.18 -6.46
N LEU B 87 4.45 7.21 -6.45
CA LEU B 87 3.38 6.85 -7.38
CA LEU B 87 3.41 6.82 -7.35
C LEU B 87 2.61 8.10 -7.70
C LEU B 87 2.53 8.01 -7.68
N GLY B 88 2.25 8.81 -6.66
CA GLY B 88 1.38 9.97 -6.78
C GLY B 88 1.64 10.85 -8.00
N PRO B 89 2.85 11.37 -8.15
CA PRO B 89 3.16 12.25 -9.26
C PRO B 89 2.94 11.66 -10.63
N THR B 90 3.11 10.35 -10.75
CA THR B 90 3.01 9.69 -12.03
C THR B 90 1.56 9.67 -12.51
N LEU B 91 0.65 9.70 -11.54
CA LEU B 91 -0.76 9.69 -11.86
C LEU B 91 -1.16 11.08 -12.32
N GLY B 92 -0.32 12.06 -12.01
CA GLY B 92 -0.55 13.45 -12.45
C GLY B 92 0.12 13.77 -13.78
N LEU B 93 1.35 13.30 -13.89
CA LEU B 93 2.26 13.63 -14.99
C LEU B 93 3.35 12.56 -15.20
N LYS B 94 3.55 12.19 -16.44
CA LYS B 94 4.75 11.39 -16.78
C LYS B 94 6.00 12.12 -16.33
N GLY B 95 6.87 11.39 -15.67
CA GLY B 95 8.17 11.92 -15.26
C GLY B 95 9.36 11.10 -15.70
N GLY B 96 10.50 11.47 -15.12
CA GLY B 96 11.81 11.00 -15.54
C GLY B 96 12.56 10.17 -14.55
N ALA B 97 11.85 9.69 -13.53
CA ALA B 97 12.48 8.99 -12.41
C ALA B 97 12.99 7.59 -12.75
N THR B 98 12.63 7.09 -13.93
CA THR B 98 13.16 5.79 -14.36
C THR B 98 14.00 5.95 -15.63
N GLY B 99 14.38 7.20 -15.88
CA GLY B 99 15.19 7.58 -17.03
C GLY B 99 14.36 7.87 -18.26
N GLY B 100 14.98 7.62 -19.40
CA GLY B 100 14.43 7.98 -20.70
C GLY B 100 15.17 7.41 -21.88
N GLY B 101 14.46 7.33 -22.98
CA GLY B 101 15.04 6.79 -24.23
C GLY B 101 15.70 5.45 -24.04
N ARG B 102 16.99 5.40 -24.33
CA ARG B 102 17.76 4.16 -24.35
C ARG B 102 18.55 4.05 -23.10
N SER B 103 18.17 4.90 -22.16
CA SER B 103 18.85 4.98 -20.85
C SER B 103 17.84 4.96 -19.70
N ARG B 104 17.37 3.77 -19.41
CA ARG B 104 16.31 3.54 -18.40
C ARG B 104 16.67 2.46 -17.43
N VAL B 105 15.87 2.43 -16.40
CA VAL B 105 15.81 1.30 -15.48
C VAL B 105 14.49 0.56 -15.71
N LEU B 106 14.62 -0.76 -15.71
CA LEU B 106 13.56 -1.68 -16.14
C LEU B 106 13.34 -2.80 -15.10
N PRO B 107 12.09 -3.29 -14.97
CA PRO B 107 10.91 -2.94 -15.75
C PRO B 107 10.28 -1.62 -15.30
N SER B 108 10.06 -0.68 -16.22
CA SER B 108 9.82 0.69 -15.76
C SER B 108 8.43 0.88 -15.17
N ASP B 109 7.43 0.17 -15.71
CA ASP B 109 6.05 0.30 -15.16
C ASP B 109 6.02 -0.08 -13.69
N GLU B 110 6.63 -1.21 -13.38
CA GLU B 110 6.61 -1.73 -12.02
C GLU B 110 7.33 -0.74 -11.09
N ILE B 111 8.44 -0.19 -11.58
CA ILE B 111 9.24 0.70 -10.75
C ILE B 111 8.43 1.95 -10.44
N ASN B 112 7.65 2.42 -11.42
CA ASN B 112 6.91 3.70 -11.31
C ASN B 112 5.62 3.54 -10.48
N LEU B 113 5.14 2.30 -10.41
CA LEU B 113 3.86 1.95 -9.76
C LEU B 113 4.10 1.37 -8.37
N HIS B 114 3.68 0.12 -8.16
CA HIS B 114 3.79 -0.43 -6.77
C HIS B 114 5.19 -0.97 -6.42
N PHE B 115 5.94 -1.33 -7.45
CA PHE B 115 7.30 -1.83 -7.30
C PHE B 115 7.25 -3.01 -6.31
N THR B 116 8.03 -2.98 -5.22
CA THR B 116 8.15 -4.09 -4.27
C THR B 116 7.43 -3.77 -2.96
N GLY B 117 6.66 -2.69 -3.02
CA GLY B 117 5.75 -2.24 -1.94
C GLY B 117 6.32 -1.33 -0.84
N ASP B 118 7.52 -0.81 -1.07
CA ASP B 118 8.20 -0.02 -0.01
C ASP B 118 7.41 1.23 0.39
N HIS B 120 4.21 1.66 0.27
CA HIS B 120 3.06 1.20 1.00
C HIS B 120 3.42 0.85 2.41
N ALA B 121 4.58 0.24 2.58
CA ALA B 121 5.05 -0.14 3.90
C ALA B 121 5.29 1.09 4.77
N VAL B 122 5.93 2.09 4.19
CA VAL B 122 6.18 3.36 4.90
C VAL B 122 4.87 3.99 5.33
N ALA B 123 3.94 4.06 4.39
CA ALA B 123 2.60 4.68 4.65
C ALA B 123 1.87 3.98 5.79
N SER B 124 1.87 2.65 5.76
CA SER B 124 1.27 1.85 6.82
C SER B 124 1.84 2.16 8.19
N ALA B 125 3.17 2.20 8.30
CA ALA B 125 3.82 2.45 9.58
C ALA B 125 3.44 3.85 10.07
N HIS B 126 3.44 4.76 9.12
CA HIS B 126 3.24 6.21 9.38
C HIS B 126 1.83 6.44 9.91
N ASN B 127 0.89 5.87 9.17
CA ASN B 127 -0.53 5.97 9.51
C ASN B 127 -0.92 5.20 10.75
N LEU B 128 -0.14 4.16 11.07
CA LEU B 128 -0.41 3.40 12.27
C LEU B 128 -0.19 4.33 13.45
N LEU B 129 0.89 5.10 13.40
N LEU B 129 0.89 5.09 13.40
CA LEU B 129 1.21 5.97 14.52
CA LEU B 129 1.22 5.99 14.50
C LEU B 129 0.07 6.97 14.70
C LEU B 129 0.05 6.94 14.69
N ALA B 130 -0.49 7.45 13.59
CA ALA B 130 -1.52 8.49 13.67
C ALA B 130 -2.80 7.90 14.28
N ALA B 131 -3.12 6.69 13.87
CA ALA B 131 -4.28 5.94 14.36
C ALA B 131 -4.15 5.67 15.86
N VAL B 132 -2.96 5.26 16.28
CA VAL B 132 -2.68 4.97 17.69
C VAL B 132 -2.71 6.22 18.56
N LEU B 133 -2.25 7.33 18.00
CA LEU B 133 -2.23 8.64 18.68
C LEU B 133 -3.65 9.09 18.99
N ASP B 134 -4.48 9.11 17.96
CA ASP B 134 -5.89 9.43 18.15
C ASP B 134 -6.67 8.49 19.07
N SER B 135 -6.34 7.20 19.01
CA SER B 135 -7.01 6.21 19.85
C SER B 135 -6.58 6.34 21.33
N HIS B 136 -5.32 6.67 21.53
CA HIS B 136 -4.77 6.96 22.87
C HIS B 136 -5.58 8.11 23.48
N ILE B 137 -5.79 9.13 22.67
CA ILE B 137 -6.51 10.32 23.13
C ILE B 137 -7.95 9.92 23.47
N LYS B 138 -8.54 9.11 22.61
CA LYS B 138 -9.93 8.72 22.76
C LYS B 138 -10.16 7.96 24.05
N HIS B 139 -9.20 7.12 24.37
CA HIS B 139 -9.32 6.18 25.49
C HIS B 139 -8.78 6.71 26.79
N GLY B 140 -8.67 8.01 26.94
CA GLY B 140 -8.34 8.62 28.23
C GLY B 140 -7.23 9.64 28.21
N ASN B 141 -6.51 9.65 27.10
CA ASN B 141 -5.40 10.58 26.89
C ASN B 141 -4.49 10.69 28.14
N GLU B 142 -4.01 9.54 28.59
CA GLU B 142 -3.14 9.51 29.75
C GLU B 142 -1.86 10.30 29.54
N LEU B 143 -1.42 10.42 28.30
CA LEU B 143 -0.21 11.16 27.96
C LEU B 143 -0.45 12.69 27.92
N LYS B 144 -1.69 13.07 28.11
CA LYS B 144 -2.13 14.47 28.09
C LYS B 144 -1.69 15.21 26.85
N ILE B 145 -1.81 14.53 25.71
CA ILE B 145 -1.48 15.12 24.41
C ILE B 145 -2.37 16.33 24.14
N ASP B 146 -1.72 17.44 23.80
CA ASP B 146 -2.38 18.67 23.38
C ASP B 146 -2.75 18.59 21.89
N ILE B 147 -4.04 18.43 21.63
CA ILE B 147 -4.51 18.22 20.21
C ILE B 147 -4.40 19.42 19.27
N THR B 148 -3.97 20.56 19.82
CA THR B 148 -3.53 21.74 19.06
C THR B 148 -2.03 21.83 18.83
N ARG B 149 -1.33 20.81 19.32
CA ARG B 149 0.14 20.77 19.20
C ARG B 149 0.63 19.38 18.81
N VAL B 150 -0.03 18.84 17.80
CA VAL B 150 0.37 17.56 17.22
C VAL B 150 1.17 17.82 15.98
N PHE B 151 2.42 17.36 15.97
CA PHE B 151 3.30 17.57 14.82
C PHE B 151 3.10 16.50 13.76
N TRP B 152 2.77 15.29 14.21
CA TRP B 152 2.61 14.15 13.31
C TRP B 152 1.38 14.29 12.40
N LYS B 153 1.58 14.12 11.09
CA LYS B 153 0.50 14.14 10.08
C LYS B 153 0.16 12.71 9.58
N ARG B 154 -0.88 12.60 8.76
CA ARG B 154 -1.16 11.38 8.04
C ARG B 154 -0.51 11.43 6.65
N THR B 155 -0.56 10.29 5.99
CA THR B 155 0.15 10.15 4.74
C THR B 155 -0.61 9.28 3.70
N ASP B 157 0.31 8.11 -0.72
CA ASP B 157 1.14 8.32 -1.91
C ASP B 157 0.24 8.59 -3.10
N ASN B 159 -1.33 12.40 -5.07
CA ASN B 159 -1.32 13.88 -5.23
C ASN B 159 -2.73 14.39 -4.95
N ASP B 160 -3.04 14.58 -3.67
CA ASP B 160 -4.39 14.97 -3.23
C ASP B 160 -4.45 16.25 -2.40
N ARG B 161 -4.63 17.36 -3.12
CA ARG B 161 -4.66 18.67 -2.43
C ARG B 161 -5.79 18.78 -1.42
N ALA B 162 -6.84 17.97 -1.61
CA ALA B 162 -8.03 18.02 -0.74
C ALA B 162 -7.69 17.64 0.70
N LEU B 163 -6.57 16.93 0.85
CA LEU B 163 -6.17 16.42 2.17
C LEU B 163 -5.10 17.28 2.88
N ARG B 164 -4.78 18.41 2.29
CA ARG B 164 -3.75 19.30 2.87
C ARG B 164 -4.16 19.83 4.23
N SER B 165 -5.45 20.17 4.34
N SER B 165 -5.43 20.17 4.34
CA SER B 165 -6.00 20.72 5.56
CA SER B 165 -5.97 20.68 5.58
C SER B 165 -7.37 20.12 5.83
C SER B 165 -7.35 20.12 5.83
N ILE B 166 -7.44 19.34 6.89
CA ILE B 166 -8.67 18.64 7.21
C ILE B 166 -9.03 18.73 8.69
N VAL B 167 -10.25 18.34 8.97
CA VAL B 167 -10.73 18.15 10.35
C VAL B 167 -11.18 16.71 10.50
N ILE B 168 -10.62 16.06 11.51
CA ILE B 168 -10.88 14.65 11.78
C ILE B 168 -11.60 14.48 13.11
N GLY B 169 -12.00 13.25 13.43
CA GLY B 169 -12.56 12.97 14.77
C GLY B 169 -13.95 13.50 15.00
N LEU B 170 -14.71 13.67 13.93
CA LEU B 170 -16.11 14.14 14.02
C LEU B 170 -17.06 12.95 14.20
N GLY B 171 -18.28 13.26 14.58
CA GLY B 171 -19.35 12.29 14.57
C GLY B 171 -19.79 11.84 15.93
N GLY B 172 -19.03 12.20 16.94
CA GLY B 172 -19.46 11.95 18.33
C GLY B 172 -18.50 11.11 19.11
N SER B 173 -18.92 10.80 20.32
CA SER B 173 -18.02 10.24 21.37
C SER B 173 -17.38 8.96 20.88
N ALA B 174 -18.13 8.19 20.11
CA ALA B 174 -17.65 6.85 19.67
C ALA B 174 -16.47 6.98 18.72
N ASN B 175 -16.32 8.17 18.13
CA ASN B 175 -15.31 8.40 17.08
C ASN B 175 -14.07 9.12 17.61
N GLY B 176 -14.10 9.40 18.90
CA GLY B 176 -13.09 10.20 19.59
C GLY B 176 -13.25 11.72 19.51
N PHE B 177 -12.11 12.40 19.51
CA PHE B 177 -12.07 13.85 19.68
C PHE B 177 -11.75 14.59 18.37
N PRO B 178 -12.54 15.61 18.04
CA PRO B 178 -12.17 16.40 16.86
C PRO B 178 -10.80 17.06 16.95
N ARG B 179 -10.12 17.08 15.82
CA ARG B 179 -8.90 17.87 15.70
C ARG B 179 -8.53 18.13 14.27
N GLU B 180 -7.64 19.09 14.12
CA GLU B 180 -7.14 19.47 12.79
C GLU B 180 -5.97 18.57 12.41
N ASP B 181 -5.92 18.26 11.13
CA ASP B 181 -4.86 17.39 10.64
C ASP B 181 -4.54 17.74 9.19
N SER B 182 -3.56 17.02 8.68
CA SER B 182 -3.05 17.12 7.29
C SER B 182 -2.55 15.77 6.85
N PHE B 183 -2.65 15.53 5.55
CA PHE B 183 -1.90 14.47 4.86
C PHE B 183 -0.75 15.10 4.06
N ILE B 184 0.36 14.39 4.11
CA ILE B 184 1.57 14.67 3.34
C ILE B 184 1.81 13.48 2.41
N ILE B 185 2.38 13.74 1.24
CA ILE B 185 2.74 12.63 0.34
C ILE B 185 3.83 11.74 1.02
N THR B 186 3.72 10.45 0.82
CA THR B 186 4.46 9.48 1.64
C THR B 186 5.97 9.72 1.59
N ALA B 187 6.44 10.13 0.43
CA ALA B 187 7.86 10.43 0.26
C ALA B 187 8.38 11.39 1.34
N ALA B 188 7.48 12.27 1.81
CA ALA B 188 7.82 13.38 2.72
C ALA B 188 7.87 12.96 4.19
N SER B 189 7.45 11.72 4.43
CA SER B 189 7.45 11.16 5.79
C SER B 189 8.87 11.06 6.40
N GLU B 190 8.98 11.46 7.67
CA GLU B 190 10.21 11.22 8.43
C GLU B 190 10.51 9.71 8.46
N VAL B 191 9.48 8.90 8.33
CA VAL B 191 9.69 7.42 8.33
C VAL B 191 10.48 7.05 7.08
N ALA B 193 12.60 9.04 5.44
CA ALA B 193 13.96 9.56 5.64
C ALA B 193 14.76 8.59 6.54
N ILE B 194 14.09 8.08 7.55
CA ILE B 194 14.70 7.18 8.54
C ILE B 194 15.06 5.84 7.89
N LEU B 195 14.15 5.35 7.07
CA LEU B 195 14.40 4.10 6.36
C LEU B 195 15.67 4.26 5.50
N ALA B 196 15.83 5.42 4.90
CA ALA B 196 16.92 5.71 3.98
C ALA B 196 18.27 5.93 4.70
N LEU B 197 18.21 6.11 6.01
CA LEU B 197 19.39 6.44 6.86
C LEU B 197 19.83 5.30 7.76
N SER B 198 18.99 4.28 7.85
CA SER B 198 19.17 3.15 8.77
C SER B 198 20.11 2.08 8.22
N GLU B 199 20.87 1.48 9.12
CA GLU B 199 21.85 0.45 8.71
C GLU B 199 21.34 -0.95 8.97
N ASN B 200 20.43 -1.03 9.91
CA ASN B 200 19.82 -2.27 10.31
C ASN B 200 18.55 -2.06 11.11
N LYS B 202 17.80 -2.65 14.36
CA LYS B 202 17.90 -2.05 15.70
C LYS B 202 17.96 -0.51 15.57
N ASP B 203 18.71 -0.09 14.57
CA ASP B 203 18.93 1.34 14.22
C ASP B 203 17.59 1.98 13.84
N LEU B 204 16.93 1.32 12.93
CA LEU B 204 15.59 1.73 12.42
C LEU B 204 14.64 1.99 13.58
N LYS B 205 14.55 0.99 14.44
CA LYS B 205 13.62 1.00 15.54
C LYS B 205 13.94 2.07 16.57
N GLU B 206 15.22 2.27 16.84
CA GLU B 206 15.66 3.33 17.73
C GLU B 206 15.29 4.70 17.18
N ARG B 207 15.59 4.87 15.92
CA ARG B 207 15.26 6.11 15.22
C ARG B 207 13.73 6.43 15.29
N LEU B 208 12.92 5.46 14.93
CA LEU B 208 11.45 5.59 14.97
C LEU B 208 11.00 6.01 16.37
N GLY B 209 11.61 5.42 17.39
CA GLY B 209 11.24 5.68 18.76
C GLY B 209 11.39 7.16 19.14
N LYS B 210 12.37 7.80 18.52
CA LYS B 210 12.80 9.18 18.87
C LYS B 210 11.98 10.27 18.20
N ILE B 211 11.18 9.88 17.21
CA ILE B 211 10.32 10.83 16.50
C ILE B 211 9.43 11.59 17.49
N ILE B 212 9.38 12.90 17.30
CA ILE B 212 8.55 13.80 18.09
C ILE B 212 7.17 13.88 17.43
N VAL B 213 6.19 13.48 18.23
N VAL B 213 6.15 13.49 18.19
CA VAL B 213 4.80 13.28 17.79
CA VAL B 213 4.81 13.40 17.63
C VAL B 213 3.98 14.55 18.06
C VAL B 213 3.93 14.56 18.05
N ALA B 214 4.18 15.06 19.26
CA ALA B 214 3.33 16.10 19.84
C ALA B 214 3.96 16.68 21.09
N LEU B 215 3.33 17.77 21.56
CA LEU B 215 3.53 18.33 22.89
C LEU B 215 2.34 17.97 23.77
N ASP B 216 2.63 17.77 25.05
CA ASP B 216 1.58 17.54 26.03
C ASP B 216 1.11 18.84 26.67
N ALA B 217 0.21 18.67 27.63
CA ALA B 217 -0.44 19.82 28.27
C ALA B 217 0.56 20.72 28.97
N ASP B 218 1.74 20.18 29.25
CA ASP B 218 2.77 20.92 29.99
C ASP B 218 3.88 21.36 29.08
N ARG B 219 3.65 21.16 27.78
CA ARG B 219 4.59 21.53 26.70
C ARG B 219 5.81 20.64 26.63
N LYS B 220 5.71 19.46 27.23
CA LYS B 220 6.71 18.40 27.13
C LYS B 220 6.58 17.62 25.83
N ILE B 221 7.72 17.27 25.26
CA ILE B 221 7.76 16.42 24.06
C ILE B 221 7.19 15.04 24.33
N VAL B 222 6.29 14.64 23.43
CA VAL B 222 5.79 13.28 23.34
C VAL B 222 6.43 12.62 22.10
N ARG B 223 7.06 11.48 22.35
N ARG B 223 7.10 11.50 22.33
CA ARG B 223 7.80 10.71 21.34
CA ARG B 223 7.78 10.73 21.29
C ARG B 223 7.09 9.41 21.00
C ARG B 223 7.08 9.42 20.98
N ILE B 224 7.43 8.84 19.85
CA ILE B 224 6.86 7.54 19.47
C ILE B 224 7.07 6.54 20.59
N SER B 225 8.26 6.57 21.20
CA SER B 225 8.56 5.60 22.28
C SER B 225 7.62 5.70 23.46
N ASP B 226 7.01 6.86 23.62
CA ASP B 226 6.02 7.11 24.69
C ASP B 226 4.72 6.36 24.43
N LEU B 227 4.47 6.07 23.16
CA LEU B 227 3.27 5.35 22.74
C LEU B 227 3.57 3.88 22.59
N GLY B 228 4.85 3.57 22.39
CA GLY B 228 5.33 2.19 22.43
C GLY B 228 5.00 1.34 21.23
N ILE B 229 5.01 2.00 20.08
N ILE B 229 4.96 1.95 20.05
CA ILE B 229 4.58 1.41 18.82
CA ILE B 229 4.63 1.17 18.86
C ILE B 229 5.72 1.27 17.82
C ILE B 229 5.74 1.21 17.82
N GLN B 230 6.92 1.64 18.25
CA GLN B 230 8.08 1.63 17.35
C GLN B 230 8.40 0.20 16.82
N GLY B 231 8.16 -0.79 17.65
CA GLY B 231 8.35 -2.19 17.28
C GLY B 231 7.41 -2.63 16.16
N ALA B 232 6.13 -2.26 16.27
CA ALA B 232 5.11 -2.57 15.24
C ALA B 232 5.47 -1.90 13.91
N ALA B 234 8.49 -1.05 12.95
CA ALA B 234 9.65 -1.81 12.42
C ALA B 234 9.19 -3.09 11.68
N VAL B 235 8.24 -3.80 12.31
CA VAL B 235 7.63 -4.98 11.71
C VAL B 235 7.09 -4.63 10.35
N LEU B 236 6.36 -3.52 10.27
CA LEU B 236 5.73 -3.14 9.00
C LEU B 236 6.75 -2.76 7.94
N LEU B 237 7.96 -2.47 8.39
CA LEU B 237 9.06 -2.06 7.49
C LEU B 237 10.15 -3.13 7.25
N LYS B 238 9.88 -4.33 7.73
CA LYS B 238 10.89 -5.37 7.79
C LYS B 238 11.43 -5.76 6.42
N ASP B 239 10.57 -5.78 5.40
CA ASP B 239 10.99 -6.06 4.01
C ASP B 239 11.43 -4.79 3.29
N ALA B 240 10.85 -3.66 3.67
CA ALA B 240 11.10 -2.38 2.99
C ALA B 240 12.54 -1.91 3.18
N ILE B 241 13.19 -2.41 4.24
CA ILE B 241 14.58 -2.04 4.56
C ILE B 241 15.58 -2.70 3.61
N ASN B 242 15.10 -3.69 2.86
CA ASN B 242 15.93 -4.43 1.91
C ASN B 242 15.92 -3.77 0.54
N PRO B 243 17.09 -3.44 0.00
CA PRO B 243 17.15 -2.80 -1.31
C PRO B 243 16.69 -3.69 -2.45
N ASN B 244 16.29 -3.02 -3.50
CA ASN B 244 15.72 -3.60 -4.70
C ASN B 244 16.67 -3.56 -5.87
N LEU B 245 16.87 -4.76 -6.40
CA LEU B 245 17.69 -5.02 -7.59
C LEU B 245 16.89 -5.13 -8.87
N VAL B 246 17.29 -4.27 -9.81
CA VAL B 246 16.75 -4.22 -11.16
C VAL B 246 17.90 -4.06 -12.18
N GLN B 247 17.56 -3.74 -13.41
CA GLN B 247 18.57 -3.56 -14.45
C GLN B 247 18.32 -2.35 -15.30
N THR B 248 19.35 -2.01 -16.06
CA THR B 248 19.29 -0.93 -17.01
C THR B 248 18.88 -1.46 -18.38
N THR B 249 18.60 -0.52 -19.28
CA THR B 249 18.28 -0.83 -20.67
C THR B 249 19.24 -1.88 -21.27
N GLU B 250 20.45 -1.88 -20.77
CA GLU B 250 21.54 -2.66 -21.38
C GLU B 250 21.91 -3.80 -20.48
N GLY B 251 21.03 -4.09 -19.54
CA GLY B 251 21.18 -5.27 -18.70
C GLY B 251 22.27 -5.17 -17.66
N THR B 252 22.62 -3.95 -17.30
CA THR B 252 23.55 -3.73 -16.19
C THR B 252 22.77 -3.43 -14.90
N PRO B 253 23.38 -3.70 -13.72
CA PRO B 253 22.65 -3.65 -12.45
C PRO B 253 22.36 -2.27 -11.92
N ALA B 254 21.21 -2.21 -11.29
CA ALA B 254 20.71 -1.01 -10.63
C ALA B 254 20.07 -1.37 -9.30
N LEU B 255 20.32 -0.52 -8.29
CA LEU B 255 19.70 -0.65 -6.98
C LEU B 255 18.78 0.58 -6.80
N ILE B 256 17.51 0.29 -6.53
CA ILE B 256 16.49 1.33 -6.35
C ILE B 256 15.90 1.14 -4.95
N HIS B 257 16.05 2.13 -4.09
CA HIS B 257 15.72 1.98 -2.68
C HIS B 257 15.51 3.30 -1.92
N CYS B 258 14.25 3.48 -1.54
CA CYS B 258 13.76 4.64 -0.83
C CYS B 258 13.65 5.89 -1.67
N GLY B 259 12.93 6.86 -1.14
CA GLY B 259 12.64 8.06 -1.91
C GLY B 259 12.33 9.31 -1.07
N PRO B 260 13.23 9.67 -0.15
CA PRO B 260 12.99 10.89 0.62
C PRO B 260 13.05 12.14 -0.27
N PHE B 261 12.31 13.14 0.16
CA PHE B 261 12.32 14.49 -0.45
C PHE B 261 13.73 15.13 -0.33
N ALA B 262 14.06 15.96 -1.32
CA ALA B 262 15.35 16.68 -1.36
C ALA B 262 15.28 18.09 -0.76
N ASN B 263 14.09 18.48 -0.31
CA ASN B 263 13.93 19.77 0.42
C ASN B 263 13.80 19.58 1.94
N ILE B 264 12.70 18.96 2.42
CA ILE B 264 12.58 18.66 3.87
C ILE B 264 13.39 17.46 4.35
N ALA B 265 14.02 16.78 3.42
CA ALA B 265 14.99 15.73 3.78
C ALA B 265 16.20 15.77 2.86
N HIS B 266 16.93 14.68 2.85
CA HIS B 266 18.28 14.62 2.30
C HIS B 266 18.35 14.17 0.82
N GLY B 267 17.23 13.73 0.24
CA GLY B 267 17.10 13.69 -1.23
C GLY B 267 17.98 12.71 -2.03
N THR B 268 18.25 11.57 -1.43
CA THR B 268 18.99 10.50 -2.12
C THR B 268 18.49 9.11 -1.68
N ASN B 269 18.94 8.08 -2.39
CA ASN B 269 18.58 6.69 -2.00
C ASN B 269 19.19 6.27 -0.67
N SER B 270 18.79 5.07 -0.23
CA SER B 270 19.18 4.57 1.07
C SER B 270 20.71 4.40 1.14
N ILE B 271 21.24 4.62 2.34
CA ILE B 271 22.67 4.34 2.59
C ILE B 271 22.97 2.83 2.43
N ILE B 272 21.98 1.98 2.69
CA ILE B 272 22.20 0.54 2.54
C ILE B 272 22.52 0.27 1.09
N ALA B 273 21.76 0.87 0.20
CA ALA B 273 21.93 0.63 -1.25
C ALA B 273 23.27 1.18 -1.74
N THR B 274 23.65 2.35 -1.25
CA THR B 274 24.87 3.03 -1.78
C THR B 274 26.09 2.21 -1.30
N LYS B 275 26.02 1.85 -0.03
CA LYS B 275 27.08 1.09 0.65
C LYS B 275 27.24 -0.26 0.03
N ALA B 277 26.34 -1.16 -3.03
CA ALA B 277 26.82 -1.01 -4.43
C ALA B 277 28.33 -0.85 -4.41
N LYS B 279 30.47 -2.15 -2.32
CA LYS B 279 31.14 -3.46 -2.08
C LYS B 279 31.09 -4.33 -3.32
N LEU B 280 30.20 -4.01 -4.25
CA LEU B 280 29.88 -4.94 -5.34
C LEU B 280 30.27 -4.45 -6.72
N SER B 281 30.81 -3.24 -6.78
CA SER B 281 31.21 -2.64 -8.05
C SER B 281 32.41 -1.72 -7.91
N GLU B 282 33.02 -1.45 -9.04
CA GLU B 282 34.16 -0.54 -9.07
C GLU B 282 33.69 0.92 -9.01
N TYR B 283 32.62 1.21 -9.75
CA TYR B 283 32.02 2.54 -9.77
C TYR B 283 30.54 2.52 -9.34
N THR B 284 30.25 3.08 -8.17
CA THR B 284 28.86 3.28 -7.73
C THR B 284 28.42 4.69 -8.13
N VAL B 285 27.41 4.75 -8.98
CA VAL B 285 26.86 6.01 -9.45
C VAL B 285 25.55 6.29 -8.71
N THR B 286 25.59 7.36 -7.93
CA THR B 286 24.49 7.74 -7.01
C THR B 286 24.09 9.17 -7.26
N GLU B 287 22.79 9.36 -7.28
CA GLU B 287 22.13 10.63 -7.59
C GLU B 287 21.68 11.33 -6.32
N ALA B 288 21.69 12.66 -6.34
CA ALA B 288 21.07 13.44 -5.27
C ALA B 288 20.11 14.47 -5.90
N GLY B 289 18.98 14.64 -5.22
CA GLY B 289 17.84 15.44 -5.70
C GLY B 289 18.11 16.91 -5.93
N PHE B 290 17.34 17.48 -6.85
CA PHE B 290 17.35 18.90 -7.17
C PHE B 290 18.75 19.34 -7.65
N GLY B 291 19.03 20.61 -7.48
CA GLY B 291 20.30 21.18 -7.95
C GLY B 291 21.40 20.91 -6.94
N ALA B 292 22.64 21.18 -7.33
CA ALA B 292 23.82 20.91 -6.49
C ALA B 292 23.79 21.67 -5.18
N ASP B 293 22.95 22.70 -5.09
CA ASP B 293 22.85 23.53 -3.85
C ASP B 293 22.07 22.85 -2.73
N LEU B 294 21.28 21.88 -3.14
CA LEU B 294 20.45 21.15 -2.20
C LEU B 294 20.95 19.71 -2.03
N GLY B 295 20.74 18.91 -3.06
CA GLY B 295 21.02 17.46 -2.99
C GLY B 295 22.50 17.12 -2.73
N ALA B 296 23.35 17.79 -3.48
CA ALA B 296 24.80 17.60 -3.41
C ALA B 296 25.38 18.07 -2.07
N GLU B 297 24.96 19.25 -1.64
CA GLU B 297 25.39 19.78 -0.33
C GLU B 297 25.01 18.79 0.78
N LYS B 298 23.78 18.28 0.70
CA LYS B 298 23.26 17.46 1.81
C LYS B 298 23.97 16.11 1.76
N PHE B 299 24.29 15.70 0.53
CA PHE B 299 24.96 14.41 0.34
C PHE B 299 26.31 14.38 1.07
N ILE B 300 26.99 15.51 1.04
CA ILE B 300 28.37 15.59 1.55
C ILE B 300 28.36 15.90 3.03
N ASP B 301 27.59 16.92 3.41
CA ASP B 301 27.61 17.40 4.76
C ASP B 301 26.87 16.50 5.69
N PHE B 302 25.88 15.80 5.15
CA PHE B 302 25.00 14.96 5.99
C PHE B 302 25.10 13.47 5.64
N VAL B 303 24.71 13.09 4.44
CA VAL B 303 24.53 11.66 4.12
C VAL B 303 25.88 10.92 4.26
N SER B 304 26.92 11.55 3.71
CA SER B 304 28.26 10.93 3.68
C SER B 304 28.75 10.60 5.08
N ARG B 305 28.47 11.50 6.00
CA ARG B 305 28.88 11.32 7.38
C ARG B 305 28.10 10.22 8.08
N VAL B 306 26.83 10.07 7.72
CA VAL B 306 26.01 9.00 8.30
C VAL B 306 26.45 7.68 7.67
N GLY B 307 26.76 7.72 6.39
CA GLY B 307 27.08 6.51 5.66
C GLY B 307 28.51 6.06 5.82
N GLY B 308 29.34 6.95 6.32
CA GLY B 308 30.78 6.69 6.43
C GLY B 308 31.43 6.52 5.06
N PHE B 309 31.04 7.35 4.11
CA PHE B 309 31.69 7.36 2.79
C PHE B 309 31.91 8.82 2.32
N TYR B 310 32.53 8.99 1.17
CA TYR B 310 32.77 10.34 0.55
C TYR B 310 32.95 10.11 -0.93
N PRO B 311 32.31 10.93 -1.78
CA PRO B 311 32.46 10.74 -3.22
C PRO B 311 33.91 10.88 -3.70
N ASN B 312 34.17 10.36 -4.87
CA ASN B 312 35.49 10.45 -5.52
C ASN B 312 35.43 11.44 -6.68
N ALA B 313 34.21 11.80 -7.02
CA ALA B 313 33.91 12.78 -8.07
C ALA B 313 32.43 13.15 -8.04
N ALA B 314 32.17 14.34 -8.56
CA ALA B 314 30.84 14.84 -8.83
C ALA B 314 30.65 15.04 -10.29
N VAL B 315 29.51 14.59 -10.77
CA VAL B 315 29.06 14.89 -12.12
C VAL B 315 27.94 15.93 -12.05
N LEU B 316 28.14 17.04 -12.76
CA LEU B 316 27.20 18.13 -12.83
C LEU B 316 26.50 18.15 -14.18
N VAL B 317 25.24 17.71 -14.15
CA VAL B 317 24.44 17.65 -15.36
C VAL B 317 23.98 19.03 -15.71
N ALA B 318 24.14 19.31 -16.99
CA ALA B 318 23.75 20.58 -17.59
C ALA B 318 23.19 20.40 -18.99
N THR B 319 22.36 21.37 -19.36
CA THR B 319 21.85 21.53 -20.71
C THR B 319 21.97 22.98 -21.19
N VAL B 320 22.15 23.11 -22.50
CA VAL B 320 22.11 24.41 -23.22
C VAL B 320 20.83 25.17 -22.91
N ARG B 321 19.72 24.46 -22.91
CA ARG B 321 18.42 25.07 -22.64
C ARG B 321 18.30 25.59 -21.21
N ALA B 322 18.83 24.83 -20.26
CA ALA B 322 18.70 25.23 -18.84
C ALA B 322 19.49 26.54 -18.65
N LEU B 323 20.62 26.62 -19.35
CA LEU B 323 21.56 27.74 -19.19
C LEU B 323 20.93 29.01 -19.77
N LYS B 324 20.34 28.84 -20.95
CA LYS B 324 19.60 29.93 -21.60
C LYS B 324 18.43 30.40 -20.74
N TYR B 325 17.75 29.44 -20.13
CA TYR B 325 16.65 29.77 -19.23
C TYR B 325 17.17 30.63 -18.09
N HIS B 326 18.36 30.30 -17.62
CA HIS B 326 18.94 30.96 -16.44
C HIS B 326 19.50 32.34 -16.81
N GLY B 327 19.65 32.53 -18.11
CA GLY B 327 20.18 33.76 -18.70
C GLY B 327 19.01 34.61 -19.15
N GLY B 328 17.83 34.09 -18.88
CA GLY B 328 16.60 34.86 -18.97
C GLY B 328 15.72 34.50 -20.14
N ALA B 329 16.17 33.55 -20.93
CA ALA B 329 15.39 33.10 -22.09
C ALA B 329 14.00 32.56 -21.70
N ASN B 330 13.08 32.86 -22.60
CA ASN B 330 11.67 32.44 -22.51
C ASN B 330 11.61 30.95 -22.79
N LEU B 331 10.80 30.28 -22.00
CA LEU B 331 10.65 28.83 -22.12
C LEU B 331 10.10 28.51 -23.51
N LYS B 332 9.31 29.43 -24.05
CA LYS B 332 8.56 29.20 -25.30
C LYS B 332 9.49 29.29 -26.50
N ASN B 333 10.64 29.91 -26.26
CA ASN B 333 11.62 30.18 -27.32
C ASN B 333 12.93 29.45 -27.03
N ILE B 334 12.87 28.56 -26.05
CA ILE B 334 14.08 27.95 -25.46
C ILE B 334 14.85 27.11 -26.49
N HIS B 335 14.15 26.79 -27.55
CA HIS B 335 14.67 25.89 -28.59
C HIS B 335 15.52 26.71 -29.56
N GLU B 336 15.33 28.02 -29.43
CA GLU B 336 16.00 28.98 -30.32
C GLU B 336 17.38 29.32 -29.80
N GLU B 337 18.34 29.23 -30.72
CA GLU B 337 19.73 29.63 -30.46
C GLU B 337 19.69 31.01 -29.81
N ASN B 338 20.56 31.20 -28.82
CA ASN B 338 20.65 32.49 -28.14
C ASN B 338 21.84 32.60 -27.21
N LEU B 339 22.97 32.94 -27.82
CA LEU B 339 24.28 32.79 -27.18
C LEU B 339 24.46 33.80 -26.06
N GLU B 340 23.61 34.81 -26.08
CA GLU B 340 23.68 35.87 -25.07
C GLU B 340 23.00 35.44 -23.76
N ALA B 341 21.91 34.68 -23.89
CA ALA B 341 21.18 34.18 -22.71
C ALA B 341 22.04 33.06 -22.15
N LEU B 342 22.75 32.43 -23.07
CA LEU B 342 23.57 31.29 -22.74
C LEU B 342 24.77 31.76 -21.92
N LYS B 343 25.33 32.89 -22.34
CA LYS B 343 26.53 33.42 -21.73
C LYS B 343 26.17 33.80 -20.31
N GLU B 344 24.98 34.34 -20.17
CA GLU B 344 24.52 34.89 -18.90
C GLU B 344 24.20 33.72 -17.95
N GLY B 345 23.51 32.73 -18.51
CA GLY B 345 23.08 31.54 -17.75
C GLY B 345 24.25 30.67 -17.29
N PHE B 346 25.38 30.78 -17.99
CA PHE B 346 26.55 29.95 -17.67
C PHE B 346 26.97 30.22 -16.24
N LYS B 347 26.58 31.40 -15.76
CA LYS B 347 26.92 31.82 -14.42
C LYS B 347 26.34 30.85 -13.38
N ASN B 348 25.25 30.19 -13.74
CA ASN B 348 24.58 29.26 -12.79
C ASN B 348 25.47 28.04 -12.66
N LEU B 349 25.95 27.61 -13.81
CA LEU B 349 26.83 26.47 -13.89
C LEU B 349 28.12 26.77 -13.11
N ARG B 350 28.59 27.99 -13.26
CA ARG B 350 29.85 28.40 -12.63
C ARG B 350 29.76 28.31 -11.13
N VAL B 351 28.64 28.78 -10.60
CA VAL B 351 28.43 28.77 -9.13
C VAL B 351 28.41 27.34 -8.56
N HIS B 352 27.68 26.47 -9.25
CA HIS B 352 27.59 25.05 -8.85
C HIS B 352 28.96 24.35 -8.93
N VAL B 353 29.72 24.63 -9.98
CA VAL B 353 31.09 24.07 -10.09
C VAL B 353 31.96 24.55 -8.91
N GLU B 354 31.90 25.85 -8.62
CA GLU B 354 32.72 26.43 -7.55
C GLU B 354 32.30 25.82 -6.22
N ASN B 355 31.00 25.61 -6.08
CA ASN B 355 30.45 25.12 -4.81
C ASN B 355 30.90 23.66 -4.60
N LEU B 356 30.85 22.88 -5.67
CA LEU B 356 31.23 21.45 -5.62
C LEU B 356 32.69 21.35 -5.22
N ARG B 357 33.48 22.34 -5.67
N ARG B 357 33.50 22.28 -5.71
CA ARG B 357 34.93 22.38 -5.40
CA ARG B 357 34.95 22.26 -5.41
C ARG B 357 35.20 22.65 -3.94
C ARG B 357 35.22 22.67 -3.94
N LYS B 358 34.24 23.33 -3.31
CA LYS B 358 34.36 23.65 -1.88
C LYS B 358 34.44 22.33 -1.09
N PHE B 359 33.88 21.27 -1.66
CA PHE B 359 33.86 19.95 -0.99
C PHE B 359 35.05 19.11 -1.43
N ASN B 360 35.93 19.76 -2.19
CA ASN B 360 37.17 19.13 -2.60
C ASN B 360 36.94 18.04 -3.59
N LEU B 361 35.83 18.16 -4.30
CA LEU B 361 35.47 17.16 -5.31
C LEU B 361 35.96 17.48 -6.72
N PRO B 362 36.54 16.49 -7.42
CA PRO B 362 36.67 16.68 -8.84
C PRO B 362 35.31 16.70 -9.53
N VAL B 363 35.11 17.68 -10.40
CA VAL B 363 33.84 17.84 -11.15
C VAL B 363 33.98 17.50 -12.62
N VAL B 364 33.01 16.75 -13.12
CA VAL B 364 32.83 16.59 -14.58
C VAL B 364 31.44 17.11 -14.95
N VAL B 365 31.39 18.04 -15.91
CA VAL B 365 30.14 18.50 -16.50
C VAL B 365 29.69 17.50 -17.56
N ALA B 366 28.45 17.03 -17.39
CA ALA B 366 27.72 16.21 -18.37
C ALA B 366 26.77 17.13 -19.12
N LEU B 367 27.14 17.47 -20.34
CA LEU B 367 26.32 18.32 -21.19
C LEU B 367 25.40 17.40 -21.98
N ASN B 368 24.18 17.32 -21.47
N ASN B 368 24.18 17.33 -21.49
CA ASN B 368 23.13 16.50 -22.06
CA ASN B 368 23.15 16.44 -22.03
C ASN B 368 22.62 17.17 -23.30
C ASN B 368 22.57 17.11 -23.27
N ARG B 369 23.03 16.65 -24.42
CA ARG B 369 22.66 17.24 -25.70
C ARG B 369 21.20 17.05 -26.05
N PHE B 370 20.59 18.13 -26.52
N PHE B 370 20.62 18.12 -26.56
CA PHE B 370 19.27 18.10 -27.13
CA PHE B 370 19.26 18.14 -27.08
C PHE B 370 19.40 18.24 -28.63
C PHE B 370 19.33 18.38 -28.59
N SER B 371 18.33 17.85 -29.30
CA SER B 371 18.29 17.91 -30.79
C SER B 371 18.35 19.35 -31.32
N THR B 372 17.79 20.26 -30.56
CA THR B 372 17.64 21.65 -30.96
C THR B 372 18.95 22.43 -30.76
N ASP B 373 19.87 21.81 -30.04
CA ASP B 373 21.15 22.46 -29.71
C ASP B 373 21.99 22.67 -30.95
N THR B 374 22.41 23.92 -31.15
CA THR B 374 23.33 24.24 -32.26
C THR B 374 24.75 23.93 -31.85
N GLU B 375 25.61 23.76 -32.83
CA GLU B 375 26.99 23.35 -32.57
C GLU B 375 27.69 24.52 -31.91
N LYS B 376 27.13 25.69 -32.16
CA LYS B 376 27.78 26.93 -31.77
C LYS B 376 27.56 27.01 -30.28
N GLU B 377 26.41 26.48 -29.89
CA GLU B 377 26.00 26.44 -28.47
C GLU B 377 26.78 25.38 -27.70
N ILE B 378 26.94 24.20 -28.30
CA ILE B 378 27.66 23.12 -27.63
C ILE B 378 29.07 23.63 -27.41
N ALA B 379 29.52 24.35 -28.44
CA ALA B 379 30.93 24.73 -28.52
C ALA B 379 31.23 25.78 -27.48
N TYR B 380 30.31 26.73 -27.34
CA TYR B 380 30.50 27.79 -26.37
C TYR B 380 30.55 27.23 -24.95
N VAL B 381 29.71 26.22 -24.67
CA VAL B 381 29.58 25.72 -23.30
C VAL B 381 30.86 25.02 -22.92
N VAL B 382 31.39 24.31 -23.91
CA VAL B 382 32.56 23.48 -23.73
C VAL B 382 33.81 24.36 -23.51
N LYS B 383 33.81 25.51 -24.17
CA LYS B 383 34.96 26.41 -24.10
C LYS B 383 34.94 27.07 -22.73
N GLU B 384 33.76 27.55 -22.39
CA GLU B 384 33.54 28.18 -21.09
C GLU B 384 33.90 27.22 -19.95
N CYS B 385 33.64 25.93 -20.16
CA CYS B 385 33.99 24.92 -19.16
C CYS B 385 35.50 24.80 -19.03
N GLU B 386 36.16 24.82 -20.18
CA GLU B 386 37.62 24.62 -20.23
C GLU B 386 38.40 25.72 -19.50
N LYS B 387 37.83 26.90 -19.62
CA LYS B 387 38.35 28.13 -19.02
C LYS B 387 38.12 28.12 -17.53
N LEU B 388 37.08 27.39 -17.16
CA LEU B 388 36.62 27.34 -15.78
C LEU B 388 37.51 26.35 -15.14
N GLY B 389 38.20 25.60 -15.97
CA GLY B 389 39.08 24.53 -15.50
C GLY B 389 38.36 23.26 -15.12
N VAL B 390 37.15 23.11 -15.65
CA VAL B 390 36.32 21.91 -15.37
C VAL B 390 36.21 21.01 -16.57
N ARG B 391 36.45 19.72 -16.35
N ARG B 391 36.45 19.72 -16.36
CA ARG B 391 36.18 18.68 -17.37
CA ARG B 391 36.22 18.71 -17.40
C ARG B 391 34.74 18.73 -17.83
C ARG B 391 34.76 18.71 -17.83
N VAL B 392 34.56 18.52 -19.12
CA VAL B 392 33.23 18.48 -19.72
C VAL B 392 33.12 17.42 -20.81
N ALA B 393 32.03 16.66 -20.77
CA ALA B 393 31.68 15.68 -21.82
C ALA B 393 30.24 15.88 -22.25
N VAL B 394 30.06 15.80 -23.56
CA VAL B 394 28.71 15.86 -24.13
C VAL B 394 28.16 14.45 -24.02
N SER B 395 26.92 14.37 -23.56
CA SER B 395 26.27 13.09 -23.31
C SER B 395 25.08 12.94 -24.24
N GLU B 396 25.00 11.79 -24.89
CA GLU B 396 23.85 11.43 -25.74
C GLU B 396 23.26 10.04 -25.39
N VAL B 397 23.32 9.71 -24.11
CA VAL B 397 22.79 8.42 -23.60
C VAL B 397 21.29 8.19 -23.91
N PHE B 398 20.51 9.25 -23.88
CA PHE B 398 19.08 9.15 -24.17
C PHE B 398 18.85 8.57 -25.56
N LYS B 399 19.67 9.07 -26.49
CA LYS B 399 19.46 8.81 -27.89
C LYS B 399 20.18 7.56 -28.25
N LYS B 400 21.35 7.39 -27.67
CA LYS B 400 22.32 6.40 -28.18
C LYS B 400 22.73 5.33 -27.18
N GLY B 401 22.15 5.39 -26.00
CA GLY B 401 22.57 4.53 -24.92
C GLY B 401 24.01 4.72 -24.50
N SER B 402 24.55 3.61 -24.06
CA SER B 402 25.94 3.45 -23.65
C SER B 402 26.89 4.18 -24.59
N GLU B 403 26.63 3.95 -25.87
CA GLU B 403 27.47 4.48 -26.94
C GLU B 403 27.69 5.96 -26.76
N GLY B 404 26.62 6.64 -26.37
CA GLY B 404 26.60 8.09 -26.33
C GLY B 404 27.09 8.63 -25.00
N GLY B 405 27.69 7.75 -24.22
CA GLY B 405 28.13 8.09 -22.85
C GLY B 405 29.57 7.77 -22.54
N VAL B 406 30.27 7.33 -23.57
CA VAL B 406 31.64 6.82 -23.41
C VAL B 406 32.61 7.94 -23.03
N GLU B 407 32.41 9.12 -23.60
CA GLU B 407 33.32 10.25 -23.30
C GLU B 407 33.15 10.66 -21.83
N LEU B 408 31.89 10.67 -21.38
CA LEU B 408 31.59 11.02 -19.99
C LEU B 408 32.19 10.00 -19.05
N ALA B 409 32.04 8.73 -19.39
CA ALA B 409 32.56 7.62 -18.58
C ALA B 409 34.08 7.72 -18.40
N LYS B 410 34.76 8.03 -19.50
CA LYS B 410 36.24 8.08 -19.49
C LYS B 410 36.67 9.26 -18.60
N ALA B 411 35.94 10.35 -18.74
CA ALA B 411 36.28 11.59 -18.02
C ALA B 411 36.07 11.40 -16.56
N VAL B 412 35.05 10.61 -16.22
CA VAL B 412 34.73 10.38 -14.81
C VAL B 412 35.77 9.44 -14.24
N ALA B 413 36.13 8.48 -15.04
CA ALA B 413 37.14 7.49 -14.59
C ALA B 413 38.51 8.15 -14.41
N GLU B 414 38.79 9.14 -15.24
CA GLU B 414 40.05 9.92 -15.19
C GLU B 414 40.04 10.83 -13.96
N ALA B 415 38.90 11.43 -13.68
CA ALA B 415 38.80 12.49 -12.66
C ALA B 415 38.71 11.92 -11.26
N ALA B 416 38.13 10.74 -11.14
CA ALA B 416 37.83 10.21 -9.81
C ALA B 416 39.09 10.09 -9.00
N LYS B 417 39.05 10.58 -7.77
CA LYS B 417 40.20 10.44 -6.86
C LYS B 417 39.76 10.29 -5.41
N ASP B 418 40.68 9.82 -4.56
CA ASP B 418 40.48 9.86 -3.11
C ASP B 418 40.86 11.23 -2.64
N VAL B 419 39.91 11.91 -2.01
CA VAL B 419 40.12 13.30 -1.59
C VAL B 419 40.04 13.44 -0.10
N GLU B 420 40.65 14.51 0.37
CA GLU B 420 40.54 14.88 1.76
C GLU B 420 39.14 15.47 1.94
N PRO B 421 38.34 14.86 2.81
CA PRO B 421 36.99 15.40 3.04
C PRO B 421 37.00 16.84 3.50
N ALA B 422 36.07 17.60 2.91
CA ALA B 422 35.94 19.02 3.19
C ALA B 422 34.46 19.40 3.37
N TYR B 423 33.97 19.14 4.59
CA TYR B 423 32.58 19.45 4.98
C TYR B 423 32.51 20.93 5.30
N LEU B 424 31.34 21.53 5.05
CA LEU B 424 31.16 22.97 5.19
C LEU B 424 31.02 23.33 6.64
N TYR B 425 30.58 22.36 7.41
CA TYR B 425 30.37 22.57 8.83
C TYR B 425 30.73 21.36 9.68
N GLU B 426 30.91 21.67 10.95
CA GLU B 426 31.27 20.67 11.94
C GLU B 426 29.97 20.18 12.56
N ASN B 428 28.52 19.53 14.84
CA ASN B 428 27.94 20.06 16.05
C ASN B 428 28.19 21.56 16.21
N ASP B 429 28.44 22.22 15.08
CA ASP B 429 28.32 23.69 15.01
C ASP B 429 26.86 24.01 15.35
N PRO B 430 26.63 25.13 16.03
CA PRO B 430 25.23 25.49 16.33
C PRO B 430 24.40 25.62 15.08
N VAL B 431 23.14 25.26 15.19
CA VAL B 431 22.21 25.27 14.04
C VAL B 431 22.29 26.58 13.25
N GLU B 432 22.33 27.68 13.98
CA GLU B 432 22.32 29.00 13.34
C GLU B 432 23.58 29.27 12.57
N LYS B 433 24.69 28.72 13.06
CA LYS B 433 25.98 28.90 12.38
C LYS B 433 26.02 28.03 11.14
N LYS B 434 25.48 26.83 11.29
CA LYS B 434 25.36 25.89 10.16
C LYS B 434 24.60 26.58 9.04
N ILE B 435 23.52 27.26 9.40
CA ILE B 435 22.68 27.90 8.38
C ILE B 435 23.44 29.07 7.75
N GLU B 436 24.12 29.82 8.59
CA GLU B 436 24.92 30.96 8.09
C GLU B 436 25.97 30.52 7.04
N ILE B 437 26.58 29.38 7.33
CA ILE B 437 27.62 28.83 6.46
C ILE B 437 27.03 28.45 5.14
N LEU B 438 25.90 27.73 5.19
CA LEU B 438 25.28 27.24 3.96
C LEU B 438 24.85 28.42 3.10
N ALA B 439 24.25 29.41 3.75
CA ALA B 439 23.69 30.56 3.05
C ALA B 439 24.81 31.34 2.34
N LYS B 440 25.95 31.43 3.02
CA LYS B 440 27.07 32.22 2.53
C LYS B 440 27.76 31.46 1.43
N GLU B 441 28.13 30.22 1.75
CA GLU B 441 28.99 29.41 0.85
C GLU B 441 28.28 28.86 -0.37
N ILE B 442 27.05 28.41 -0.17
CA ILE B 442 26.32 27.67 -1.21
C ILE B 442 25.30 28.57 -1.89
N TYR B 443 24.44 29.23 -1.11
CA TYR B 443 23.31 30.03 -1.68
C TYR B 443 23.78 31.45 -2.06
N ARG B 444 24.99 31.74 -1.63
CA ARG B 444 25.70 33.00 -1.96
C ARG B 444 24.98 34.26 -1.48
N ALA B 445 24.28 34.11 -0.37
CA ALA B 445 23.63 35.20 0.36
C ALA B 445 24.68 36.08 1.07
N GLY B 446 24.31 37.33 1.30
CA GLY B 446 25.20 38.23 2.00
C GLY B 446 24.89 38.23 3.49
N ARG B 447 23.71 37.74 3.81
CA ARG B 447 23.33 37.55 5.21
C ARG B 447 22.10 36.71 5.31
N VAL B 448 21.85 36.33 6.55
CA VAL B 448 20.68 35.54 6.91
C VAL B 448 19.80 36.30 7.88
N GLU B 449 18.50 36.26 7.61
CA GLU B 449 17.50 36.80 8.50
C GLU B 449 16.48 35.76 8.89
N PHE B 450 16.26 35.64 10.19
CA PHE B 450 15.29 34.72 10.78
C PHE B 450 14.02 35.47 11.17
N SER B 451 12.91 35.02 10.63
CA SER B 451 11.58 35.51 11.01
C SER B 451 11.37 35.33 12.51
N ASP B 452 10.33 35.96 13.06
CA ASP B 452 10.00 35.78 14.49
C ASP B 452 9.65 34.33 14.77
N THR B 453 9.01 33.71 13.79
CA THR B 453 8.61 32.30 13.95
C THR B 453 9.85 31.42 14.03
N ALA B 454 10.80 31.70 13.16
CA ALA B 454 12.09 30.97 13.12
C ALA B 454 12.82 31.16 14.42
N LYS B 455 12.72 32.36 15.01
CA LYS B 455 13.50 32.64 16.22
C LYS B 455 12.89 31.87 17.38
N ASN B 456 11.58 31.77 17.36
N ASN B 456 11.58 31.77 17.36
CA ASN B 456 10.86 31.03 18.37
CA ASN B 456 10.88 31.02 18.39
C ASN B 456 11.18 29.54 18.22
C ASN B 456 11.21 29.55 18.23
N ALA B 457 11.36 29.14 16.97
CA ALA B 457 11.64 27.72 16.65
C ALA B 457 13.04 27.39 17.19
N LEU B 458 13.96 28.33 17.02
CA LEU B 458 15.33 28.16 17.52
C LEU B 458 15.36 28.05 19.04
N LYS B 459 14.44 28.75 19.70
CA LYS B 459 14.43 28.72 21.16
C LYS B 459 14.03 27.32 21.60
N PHE B 460 13.10 26.75 20.86
CA PHE B 460 12.60 25.38 21.14
C PHE B 460 13.72 24.37 20.97
N ILE B 461 14.38 24.51 19.84
CA ILE B 461 15.50 23.67 19.44
C ILE B 461 16.59 23.64 20.51
N LYS B 462 16.90 24.81 21.05
CA LYS B 462 18.00 24.90 22.03
C LYS B 462 17.51 24.35 23.36
N LYS B 463 16.25 24.66 23.66
CA LYS B 463 15.64 24.20 24.91
C LYS B 463 15.74 22.67 25.06
N HIS B 464 15.51 21.97 23.95
CA HIS B 464 15.31 20.50 23.95
C HIS B 464 16.54 19.77 23.44
N GLY B 465 17.59 20.55 23.26
CA GLY B 465 18.91 20.00 23.08
C GLY B 465 19.24 19.54 21.68
N PHE B 466 18.59 20.16 20.70
CA PHE B 466 18.76 19.77 19.29
C PHE B 466 19.62 20.76 18.51
N ASP B 467 20.28 21.65 19.25
CA ASP B 467 20.99 22.80 18.66
C ASP B 467 22.27 22.44 17.91
N GLU B 468 22.69 21.18 18.05
CA GLU B 468 23.92 20.72 17.41
C GLU B 468 23.66 19.69 16.32
N LEU B 469 22.39 19.47 16.03
CA LEU B 469 22.04 18.56 14.94
C LEU B 469 22.47 19.14 13.61
N PRO B 470 22.75 18.27 12.65
CA PRO B 470 22.92 18.69 11.26
C PRO B 470 21.67 19.42 10.74
N VAL B 471 21.86 20.21 9.69
CA VAL B 471 20.79 21.04 9.15
C VAL B 471 20.54 20.75 7.71
N ILE B 472 19.25 20.50 7.47
CA ILE B 472 18.69 20.20 6.16
C ILE B 472 17.83 21.39 5.75
N VAL B 473 18.26 22.10 4.74
CA VAL B 473 17.58 23.31 4.27
C VAL B 473 16.50 23.01 3.24
N ALA B 474 15.27 23.37 3.57
CA ALA B 474 14.13 23.22 2.69
C ALA B 474 13.76 24.59 2.09
N LYS B 475 14.22 24.79 0.88
CA LYS B 475 13.98 26.00 0.15
C LYS B 475 13.67 25.60 -1.24
N THR B 476 13.26 26.59 -2.02
CA THR B 476 12.98 26.39 -3.45
C THR B 476 14.17 25.76 -4.15
N PRO B 477 13.94 24.84 -5.11
CA PRO B 477 15.06 24.33 -5.91
C PRO B 477 15.30 25.12 -7.20
N LYS B 478 14.42 26.08 -7.42
CA LYS B 478 14.32 26.80 -8.69
C LYS B 478 15.30 27.98 -8.76
N SER B 479 15.94 28.24 -7.63
CA SER B 479 16.96 29.31 -7.48
C SER B 479 18.10 28.78 -6.63
N ILE B 480 19.28 29.40 -6.71
CA ILE B 480 20.35 29.10 -5.75
C ILE B 480 19.96 29.78 -4.45
N SER B 481 19.09 30.79 -4.57
CA SER B 481 18.57 31.51 -3.41
C SER B 481 17.29 30.88 -2.83
N HIS B 482 16.68 31.63 -1.91
CA HIS B 482 15.42 31.24 -1.24
C HIS B 482 14.23 31.72 -2.06
N ASP B 483 14.54 32.46 -3.09
CA ASP B 483 13.53 33.15 -3.92
C ASP B 483 13.41 32.53 -5.31
N PRO B 484 12.28 31.85 -5.57
CA PRO B 484 12.11 31.08 -6.81
C PRO B 484 12.18 31.96 -8.05
N SER B 485 12.03 33.26 -7.82
CA SER B 485 11.97 34.26 -8.92
C SER B 485 13.37 34.51 -9.43
N LEU B 486 14.35 34.29 -8.56
CA LEU B 486 15.73 34.70 -8.90
C LEU B 486 16.47 33.64 -9.69
N ARG B 487 16.47 33.77 -11.01
CA ARG B 487 17.24 32.85 -11.85
C ARG B 487 18.70 33.22 -11.83
N GLY B 488 19.46 32.37 -12.47
CA GLY B 488 20.91 32.56 -12.64
C GLY B 488 21.71 32.39 -11.37
N ALA B 489 22.44 33.46 -11.02
CA ALA B 489 23.39 33.44 -9.90
C ALA B 489 23.28 34.65 -8.98
N PRO B 490 22.14 34.80 -8.29
CA PRO B 490 21.99 35.88 -7.31
C PRO B 490 23.01 35.80 -6.19
N GLU B 491 23.51 36.97 -5.77
CA GLU B 491 24.46 37.06 -4.64
C GLU B 491 24.26 38.30 -3.83
N GLY B 492 24.67 38.22 -2.58
CA GLY B 492 24.70 39.38 -1.67
C GLY B 492 23.36 39.72 -1.10
N TYR B 493 22.34 39.00 -1.58
CA TYR B 493 20.97 39.14 -1.05
C TYR B 493 20.81 38.61 0.39
N THR B 494 19.66 38.93 0.94
CA THR B 494 19.30 38.49 2.28
C THR B 494 18.47 37.22 2.20
N PHE B 495 19.06 36.16 2.74
CA PHE B 495 18.43 34.84 2.79
C PHE B 495 17.50 34.77 4.00
N VAL B 496 16.23 34.49 3.75
CA VAL B 496 15.25 34.41 4.83
C VAL B 496 14.90 32.99 5.26
N VAL B 497 14.98 32.78 6.56
CA VAL B 497 14.51 31.57 7.23
C VAL B 497 13.22 31.90 7.93
N SER B 498 12.21 31.14 7.52
CA SER B 498 10.80 31.29 7.87
C SER B 498 10.41 30.59 9.15
N ASP B 499 10.94 29.39 9.26
CA ASP B 499 10.60 28.49 10.36
C ASP B 499 11.64 27.38 10.45
N LEU B 500 11.54 26.62 11.53
CA LEU B 500 12.37 25.44 11.71
C LEU B 500 11.62 24.32 12.42
N PHE B 501 12.00 23.10 12.12
CA PHE B 501 11.57 21.97 12.93
C PHE B 501 12.61 20.87 13.07
N VAL B 502 12.28 19.95 13.96
CA VAL B 502 13.19 18.89 14.32
C VAL B 502 12.68 17.55 13.84
N SER B 503 13.50 16.87 13.04
CA SER B 503 13.31 15.47 12.66
C SER B 503 14.24 14.64 13.53
N ALA B 504 13.78 14.35 14.74
CA ALA B 504 14.62 13.75 15.77
C ALA B 504 15.05 12.30 15.46
N GLY B 505 14.23 11.55 14.74
CA GLY B 505 14.57 10.18 14.38
C GLY B 505 15.50 10.14 13.20
N ALA B 506 15.23 10.99 12.23
CA ALA B 506 16.13 11.12 11.09
C ALA B 506 17.46 11.73 11.55
N GLY B 507 17.41 12.57 12.57
CA GLY B 507 18.64 13.13 13.13
C GLY B 507 19.08 14.48 12.60
N PHE B 508 18.12 15.28 12.20
CA PHE B 508 18.40 16.62 11.70
C PHE B 508 17.33 17.64 12.01
N VAL B 509 17.77 18.89 11.99
CA VAL B 509 16.89 20.06 12.01
C VAL B 509 16.65 20.48 10.57
N VAL B 510 15.39 20.76 10.27
CA VAL B 510 15.02 21.32 8.98
C VAL B 510 14.87 22.85 9.10
N ALA B 511 15.52 23.57 8.20
CA ALA B 511 15.36 25.02 8.13
C ALA B 511 14.58 25.39 6.90
N LEU B 512 13.44 26.01 7.13
CA LEU B 512 12.51 26.32 6.04
C LEU B 512 12.60 27.76 5.59
N SER B 513 12.52 27.91 4.28
CA SER B 513 12.39 29.22 3.66
C SER B 513 11.21 29.21 2.71
N GLY B 514 10.12 29.80 3.16
CA GLY B 514 8.90 29.85 2.39
C GLY B 514 8.04 28.64 2.70
N ASP B 515 6.97 28.49 1.96
CA ASP B 515 6.10 27.35 2.17
C ASP B 515 6.66 26.25 1.32
N ILE B 516 6.70 25.06 1.89
CA ILE B 516 7.13 23.87 1.18
C ILE B 516 5.90 23.03 0.89
N ASN B 517 5.73 22.70 -0.36
CA ASN B 517 4.59 21.87 -0.82
C ASN B 517 4.86 20.40 -0.50
N LEU B 518 4.21 19.87 0.53
CA LEU B 518 4.41 18.46 0.88
C LEU B 518 3.23 17.58 0.46
N PRO B 520 1.52 17.66 -3.30
CA PRO B 520 1.21 18.23 -4.61
C PRO B 520 -0.15 17.76 -5.08
N GLY B 521 -0.80 18.60 -5.90
CA GLY B 521 -2.10 18.33 -6.46
C GLY B 521 -2.07 17.74 -7.86
N LEU B 522 -3.25 17.42 -8.37
CA LEU B 522 -3.34 16.91 -9.76
C LEU B 522 -3.67 18.03 -10.74
N PRO B 523 -3.18 17.92 -11.98
CA PRO B 523 -3.56 18.93 -12.96
C PRO B 523 -4.93 18.69 -13.54
N LYS B 524 -5.38 19.65 -14.32
CA LYS B 524 -6.73 19.60 -14.86
C LYS B 524 -6.94 18.34 -15.66
N LYS B 525 -5.89 17.93 -16.37
CA LYS B 525 -5.92 16.70 -17.17
C LYS B 525 -4.82 15.74 -16.72
N PRO B 526 -5.10 14.90 -15.71
CA PRO B 526 -4.01 14.08 -15.19
C PRO B 526 -3.56 12.95 -16.11
N ASN B 527 -2.32 12.54 -15.93
CA ASN B 527 -1.78 11.41 -16.68
C ASN B 527 -2.62 10.12 -16.53
N ALA B 528 -3.33 10.02 -15.42
CA ALA B 528 -4.26 8.88 -15.17
C ALA B 528 -5.20 8.68 -16.33
N LEU B 529 -5.50 9.79 -17.03
CA LEU B 529 -6.47 9.75 -18.13
C LEU B 529 -5.92 8.94 -19.29
N ASN B 530 -4.59 8.85 -19.34
CA ASN B 530 -3.85 8.17 -20.44
C ASN B 530 -3.60 6.71 -20.11
N ASP B 532 -3.93 2.86 -19.09
CA ASP B 532 -4.82 1.76 -19.46
C ASP B 532 -4.07 0.47 -19.57
N VAL B 533 -4.85 -0.58 -19.71
CA VAL B 533 -4.37 -1.93 -19.96
C VAL B 533 -5.02 -2.34 -21.25
N ASP B 534 -4.18 -2.60 -22.24
CA ASP B 534 -4.62 -2.78 -23.63
C ASP B 534 -5.05 -4.21 -23.91
N ASP B 535 -5.85 -4.36 -24.95
CA ASP B 535 -6.38 -5.68 -25.36
C ASP B 535 -5.41 -6.86 -25.09
N SER B 536 -4.12 -6.66 -25.31
CA SER B 536 -3.11 -7.70 -25.08
C SER B 536 -2.74 -7.84 -23.61
N GLY B 537 -3.44 -7.06 -22.79
CA GLY B 537 -3.22 -7.03 -21.33
C GLY B 537 -1.94 -6.35 -20.92
N ASN B 538 -1.47 -5.45 -21.78
CA ASN B 538 -0.30 -4.60 -21.49
C ASN B 538 -0.64 -3.17 -21.00
N ILE B 539 0.15 -2.70 -20.05
CA ILE B 539 0.01 -1.33 -19.49
C ILE B 539 0.47 -0.30 -20.49
N VAL B 540 -0.35 0.72 -20.66
CA VAL B 540 0.05 1.88 -21.42
C VAL B 540 -0.20 3.15 -20.62
N GLY B 541 0.64 4.15 -20.88
CA GLY B 541 0.44 5.54 -20.41
C GLY B 541 1.15 5.96 -19.16
N VAL B 542 1.93 5.05 -18.57
CA VAL B 542 2.56 5.30 -17.27
C VAL B 542 3.89 6.03 -17.43
N SER B 543 4.69 5.50 -18.34
CA SER B 543 6.01 6.03 -18.62
C SER B 543 6.04 6.64 -20.02
#